data_5HE2
#
_entry.id   5HE2
#
_cell.length_a   60.729
_cell.length_b   241.950
_cell.length_c   213.668
_cell.angle_alpha   90.000
_cell.angle_beta   90.000
_cell.angle_gamma   90.000
#
_symmetry.space_group_name_H-M   'C 2 2 21'
#
loop_
_entity.id
_entity.type
_entity.pdbx_description
1 polymer 'Beta-adrenergic receptor kinase 1'
2 polymer 'Guanine nucleotide-binding protein G(I)/G(S)/G(T) subunit beta-1'
3 polymer 'Guanine nucleotide-binding protein G(I)/G(S)/G(O) subunit gamma-2'
4 non-polymer (4~{S})-4-[3-[(2,6-dimethoxyphenyl)methylcarbamoyl]-4-fluoranyl-phenyl]-~{N}-(1~{H}-indazol-5-yl)-6-methyl-2-oxidanylidene-3,4-dihydro-1~{H}-pyrimidine-5-carboxamide
5 water water
#
loop_
_entity_poly.entity_id
_entity_poly.type
_entity_poly.pdbx_seq_one_letter_code
_entity_poly.pdbx_strand_id
1 'polypeptide(L)'
;KKILLPEPSIRSVMQKYLEDRGEVTFEKIFSQKLGYLLFRDFCLKHLEEAKPLVEFYEEIKKYEKLETEEERLVCSREIF
DTYIMKELLACSHPFSKSAIEHVQGHLVKKQVPPDLFQPYIEEICQNLRGDVFQKFIESDKFTRFCQWKNVELNIHLTMN
DFSVHRIIGRGGFGEVYGCRKADTGKMYAMKCLDKKRIKMKQGETLALNERIMLSLVSTGDCPFIVCMSYAFHTPDKLSF
ILDLMNGGDLHYHLSQHGVFSEADMRFYAAEIILGLEHMHNRFVVYRDLKPANILLDEHGHVRISDLGLACDFSKKKPHA
SVGTHGYMAPEVLQKGVAYDSSADWFSLGCMLFKLLRGHSPFRQHKTKDKHEIDRMTLTMAVELPDSFSPELRSLLEGLL
QRDVNRRLGCLGRGAQEVKESPFFRSLDWQMVFLQKYPPPLIPPRGEVNAADAFDIGSFDEEDTKGIKLLDSDQELYRNF
PLTISERWQQEVAETVFDTINAETDRLEARKKTKNKQLGHEEDYALGKDCIMHGYMSKMGNPFLTQWQRRYFYLFPNRLE
WRGEGEAPQSLLTMEEIQSVEETQIKERKCLLLKIRGGKQFVLQCDSDPELVQWKKELRDAYREAQQLVQRVPKMKNKPR
A
;
A
2 'polypeptide(L)'
;SELDQLRQEAEQLKNQIRDARKACADATLSQITNNIDPVGRIQMRTRRTLRGHLAKIYAMHWGTDSRLLVSASQDGKLII
WDSYTTNKVHAIPLRSSWVMTCAYAPSGNYVACGGLDNICSIYNLKTREGNVRVSRELAGHTGYLSCCRFLDDNQIVTSS
GDTTCALWDIETGQQTTTFTGHTGDVMSLSLAPDTRLFVSGACDASAKLWDVREGMCRQTFTGHESDINAICFFPNGNAF
ATGSDDATCRLFDLRADQELMTYSHDNIICGITSVSFSKSGRLLLAGYDDFNCNVWDALKADRAGVLAGHDNRVSCLGVT
DDGMAVATGSWDSFLKIWN
;
B
3 'polypeptide(L)' MASNNTASIAQARKLVEQLKMEANIDRIKVSKAAADLMAYCEAHAKEDPLLTPVPASENPFREKKFFSAIL G
#
loop_
_chem_comp.id
_chem_comp.type
_chem_comp.name
_chem_comp.formula
F0S non-polymer (4~{S})-4-[3-[(2,6-dimethoxyphenyl)methylcarbamoyl]-4-fluoranyl-phenyl]-~{N}-(1~{H}-indazol-5-yl)-6-methyl-2-oxidanylidene-3,4-dihydro-1~{H}-pyrimidine-5-carboxamide 'C29 H27 F N6 O5'
#
# COMPACT_ATOMS: atom_id res chain seq x y z
N LYS A 1 -9.56 -25.39 -12.64
CA LYS A 1 -10.79 -24.65 -13.01
C LYS A 1 -11.91 -24.75 -11.92
N LYS A 2 -11.50 -24.43 -10.69
CA LYS A 2 -12.35 -24.20 -9.52
C LYS A 2 -11.69 -22.96 -8.87
N ILE A 3 -12.26 -22.37 -7.84
CA ILE A 3 -11.65 -21.15 -7.31
C ILE A 3 -10.40 -21.52 -6.50
N LEU A 4 -9.36 -20.69 -6.62
CA LEU A 4 -8.14 -20.87 -5.85
C LEU A 4 -7.72 -19.59 -5.15
N LEU A 5 -7.93 -19.57 -3.84
CA LEU A 5 -7.44 -18.51 -2.99
C LEU A 5 -5.90 -18.33 -3.08
N PRO A 6 -5.44 -17.06 -2.97
CA PRO A 6 -4.02 -16.85 -2.83
C PRO A 6 -3.59 -17.22 -1.44
N GLU A 7 -2.28 -17.33 -1.24
CA GLU A 7 -1.73 -17.58 0.08
C GLU A 7 -1.97 -16.35 0.92
N PRO A 8 -1.83 -16.47 2.23
CA PRO A 8 -2.09 -15.33 3.11
C PRO A 8 -1.10 -14.16 3.02
N SER A 9 0.08 -14.37 2.45
CA SER A 9 0.99 -13.24 2.21
C SER A 9 0.23 -12.06 1.56
N ILE A 10 -0.86 -12.39 0.86
CA ILE A 10 -1.62 -11.43 0.07
C ILE A 10 -2.17 -10.29 0.93
N ARG A 11 -2.26 -10.54 2.22
CA ARG A 11 -2.68 -9.55 3.20
C ARG A 11 -1.86 -8.24 3.17
N SER A 12 -0.54 -8.34 2.88
CA SER A 12 0.35 -7.17 2.88
C SER A 12 -0.10 -6.12 1.86
N VAL A 13 -0.33 -6.56 0.63
CA VAL A 13 -0.83 -5.69 -0.44
C VAL A 13 -2.31 -5.31 -0.25
N MET A 14 -3.17 -6.25 0.16
CA MET A 14 -4.61 -5.95 0.10
C MET A 14 -5.01 -4.99 1.20
N GLN A 15 -4.48 -5.19 2.40
CA GLN A 15 -4.81 -4.31 3.51
C GLN A 15 -4.45 -2.84 3.16
N LYS A 16 -3.38 -2.63 2.40
CA LYS A 16 -3.04 -1.28 1.98
C LYS A 16 -3.93 -0.79 0.83
N TYR A 17 -4.25 -1.67 -0.10
CA TYR A 17 -5.13 -1.32 -1.23
C TYR A 17 -6.47 -0.77 -0.75
N LEU A 18 -7.04 -1.49 0.22
CA LEU A 18 -8.30 -1.14 0.86
C LEU A 18 -8.23 0.12 1.73
N GLU A 19 -7.26 0.15 2.64
CA GLU A 19 -6.99 1.32 3.46
C GLU A 19 -6.86 2.61 2.62
N ASP A 20 -6.12 2.60 1.52
CA ASP A 20 -6.09 3.80 0.65
C ASP A 20 -7.45 4.21 0.20
N ARG A 21 -8.31 3.23 0.02
CA ARG A 21 -9.63 3.47 -0.52
C ARG A 21 -10.67 3.75 0.54
N GLY A 22 -10.30 3.57 1.80
CA GLY A 22 -11.18 3.83 2.96
C GLY A 22 -12.07 2.68 3.39
N GLU A 23 -11.72 1.45 3.02
CA GLU A 23 -12.66 0.33 3.11
C GLU A 23 -12.52 -0.49 4.37
N VAL A 24 -11.60 -0.16 5.27
CA VAL A 24 -11.44 -1.02 6.45
C VAL A 24 -12.20 -0.42 7.62
N THR A 25 -13.52 -0.38 7.50
CA THR A 25 -14.37 0.15 8.55
C THR A 25 -15.39 -0.91 8.83
N PHE A 26 -16.01 -0.83 10.00
CA PHE A 26 -17.03 -1.81 10.36
C PHE A 26 -18.20 -1.70 9.41
N GLU A 27 -18.61 -0.47 9.11
CA GLU A 27 -19.72 -0.19 8.20
C GLU A 27 -19.56 -0.94 6.86
N LYS A 28 -18.40 -0.76 6.23
CA LYS A 28 -18.16 -1.23 4.85
C LYS A 28 -17.95 -2.73 4.76
N ILE A 29 -17.20 -3.27 5.71
CA ILE A 29 -16.96 -4.72 5.79
C ILE A 29 -18.15 -5.54 6.33
N PHE A 30 -18.78 -5.06 7.39
CA PHE A 30 -19.93 -5.73 7.95
C PHE A 30 -21.08 -5.82 6.94
N SER A 31 -21.25 -4.80 6.10
CA SER A 31 -22.35 -4.80 5.15
C SER A 31 -22.05 -5.63 3.86
N GLN A 32 -20.86 -6.23 3.77
CA GLN A 32 -20.58 -7.20 2.71
C GLN A 32 -20.94 -8.60 3.13
N LYS A 33 -21.49 -9.37 2.21
CA LYS A 33 -21.97 -10.69 2.58
C LYS A 33 -20.83 -11.57 3.14
N LEU A 34 -19.73 -11.69 2.40
CA LEU A 34 -18.62 -12.50 2.87
C LEU A 34 -17.94 -11.79 4.05
N GLY A 35 -17.98 -10.47 4.05
CA GLY A 35 -17.49 -9.71 5.18
C GLY A 35 -18.23 -10.05 6.47
N TYR A 36 -19.56 -9.95 6.47
CA TYR A 36 -20.38 -10.37 7.64
C TYR A 36 -20.06 -11.85 7.98
N LEU A 37 -20.17 -12.73 6.99
CA LEU A 37 -19.80 -14.12 7.21
C LEU A 37 -18.48 -14.31 7.99
N LEU A 38 -17.46 -13.53 7.69
CA LEU A 38 -16.17 -13.80 8.32
C LEU A 38 -16.11 -13.20 9.73
N PHE A 39 -16.55 -11.95 9.86
CA PHE A 39 -16.55 -11.23 11.14
C PHE A 39 -17.34 -11.93 12.26
N ARG A 40 -18.39 -12.63 11.89
CA ARG A 40 -19.17 -13.34 12.85
C ARG A 40 -18.53 -14.70 13.17
N ASP A 41 -17.93 -15.37 12.20
CA ASP A 41 -17.18 -16.58 12.55
C ASP A 41 -16.13 -16.24 13.58
N PHE A 42 -15.60 -15.02 13.50
CA PHE A 42 -14.58 -14.54 14.41
C PHE A 42 -15.11 -14.25 15.79
N CYS A 43 -16.20 -13.50 15.87
CA CYS A 43 -16.81 -13.17 17.14
C CYS A 43 -17.30 -14.39 17.88
N LEU A 44 -18.13 -15.19 17.21
CA LEU A 44 -18.71 -16.35 17.87
C LEU A 44 -17.61 -17.26 18.38
N LYS A 45 -16.67 -17.59 17.51
CA LYS A 45 -15.75 -18.68 17.81
C LYS A 45 -14.48 -18.22 18.49
N HIS A 46 -14.01 -17.02 18.19
CA HIS A 46 -12.64 -16.60 18.57
C HIS A 46 -12.66 -15.37 19.47
N LEU A 47 -13.73 -15.17 20.24
CA LEU A 47 -13.82 -14.04 21.19
C LEU A 47 -15.11 -14.11 22.04
N GLU A 48 -14.98 -14.37 23.35
CA GLU A 48 -16.15 -14.58 24.24
C GLU A 48 -16.96 -13.32 24.66
N GLU A 49 -16.42 -12.13 24.40
CA GLU A 49 -17.11 -10.86 24.66
C GLU A 49 -18.15 -10.49 23.58
N ALA A 50 -17.78 -10.74 22.32
CA ALA A 50 -18.60 -10.37 21.16
C ALA A 50 -19.68 -11.39 20.85
N LYS A 51 -19.39 -12.65 21.11
CA LYS A 51 -20.31 -13.75 20.80
C LYS A 51 -21.78 -13.43 21.15
N PRO A 52 -22.04 -13.01 22.41
CA PRO A 52 -23.40 -12.60 22.82
C PRO A 52 -24.10 -11.63 21.87
N LEU A 53 -23.40 -10.55 21.52
CA LEU A 53 -23.92 -9.51 20.62
C LEU A 53 -24.32 -10.05 19.24
N VAL A 54 -23.44 -10.82 18.64
CA VAL A 54 -23.70 -11.37 17.33
C VAL A 54 -24.81 -12.40 17.40
N GLU A 55 -24.76 -13.29 18.39
CA GLU A 55 -25.88 -14.24 18.57
C GLU A 55 -27.22 -13.50 18.70
N PHE A 56 -27.16 -12.34 19.40
CA PHE A 56 -28.27 -11.40 19.56
C PHE A 56 -28.65 -10.69 18.24
N TYR A 57 -27.64 -10.29 17.47
CA TYR A 57 -27.91 -9.69 16.17
C TYR A 57 -28.73 -10.69 15.32
N GLU A 58 -28.29 -11.95 15.32
CA GLU A 58 -28.89 -13.00 14.47
C GLU A 58 -30.31 -13.37 14.90
N GLU A 59 -30.55 -13.51 16.21
CA GLU A 59 -31.89 -13.78 16.69
C GLU A 59 -32.82 -12.69 16.27
N ILE A 60 -32.38 -11.44 16.34
CA ILE A 60 -33.24 -10.34 15.93
C ILE A 60 -33.47 -10.38 14.43
N LYS A 61 -32.44 -10.71 13.67
CA LYS A 61 -32.59 -10.81 12.21
C LYS A 61 -33.63 -11.87 11.84
N LYS A 62 -33.47 -13.09 12.36
CA LYS A 62 -34.48 -14.16 12.26
C LYS A 62 -35.91 -13.71 12.66
N TYR A 63 -35.99 -12.90 13.70
CA TYR A 63 -37.26 -12.35 14.18
C TYR A 63 -37.97 -11.46 13.13
N GLU A 64 -37.20 -10.62 12.42
CA GLU A 64 -37.75 -9.76 11.36
C GLU A 64 -38.46 -10.58 10.28
N LYS A 65 -37.95 -11.78 10.00
CA LYS A 65 -38.45 -12.63 8.92
C LYS A 65 -39.70 -13.44 9.26
N LEU A 66 -40.03 -13.58 10.56
CA LEU A 66 -41.22 -14.35 10.99
C LEU A 66 -42.47 -13.77 10.32
N GLU A 67 -43.31 -14.67 9.77
CA GLU A 67 -44.47 -14.27 8.98
C GLU A 67 -45.67 -13.88 9.88
N THR A 68 -45.92 -14.67 10.93
CA THR A 68 -47.16 -14.51 11.73
C THR A 68 -46.97 -13.72 13.03
N GLU A 69 -48.07 -13.12 13.49
CA GLU A 69 -48.11 -12.40 14.76
C GLU A 69 -47.98 -13.37 15.93
N GLU A 70 -48.65 -14.52 15.81
CA GLU A 70 -48.46 -15.65 16.73
C GLU A 70 -46.98 -15.93 16.99
N GLU A 71 -46.20 -15.99 15.90
CA GLU A 71 -44.77 -16.32 15.98
C GLU A 71 -43.94 -15.23 16.65
N ARG A 72 -44.36 -13.97 16.56
CA ARG A 72 -43.53 -12.86 17.08
C ARG A 72 -43.70 -12.61 18.58
N LEU A 73 -44.89 -12.85 19.12
CA LEU A 73 -45.10 -12.85 20.59
C LEU A 73 -44.23 -13.89 21.28
N VAL A 74 -44.19 -15.10 20.72
CA VAL A 74 -43.41 -16.21 21.26
C VAL A 74 -41.92 -15.88 21.26
N CYS A 75 -41.48 -15.28 20.16
CA CYS A 75 -40.06 -15.03 19.95
C CYS A 75 -39.56 -13.81 20.72
N SER A 76 -40.27 -12.70 20.60
CA SER A 76 -39.97 -11.50 21.39
C SER A 76 -39.83 -11.83 22.89
N ARG A 77 -40.71 -12.67 23.42
CA ARG A 77 -40.55 -13.14 24.79
C ARG A 77 -39.21 -13.86 24.95
N GLU A 78 -38.92 -14.86 24.10
CA GLU A 78 -37.64 -15.59 24.18
C GLU A 78 -36.42 -14.64 24.22
N ILE A 79 -36.39 -13.68 23.29
CA ILE A 79 -35.21 -12.80 23.09
C ILE A 79 -35.02 -11.88 24.28
N PHE A 80 -36.12 -11.29 24.74
CA PHE A 80 -36.07 -10.37 25.87
C PHE A 80 -35.58 -11.08 27.12
N ASP A 81 -36.11 -12.27 27.38
CA ASP A 81 -35.67 -13.07 28.53
C ASP A 81 -34.21 -13.48 28.43
N THR A 82 -33.72 -13.76 27.22
CA THR A 82 -32.39 -14.30 27.02
C THR A 82 -31.29 -13.22 26.84
N TYR A 83 -31.54 -12.17 26.07
CA TYR A 83 -30.46 -11.21 25.75
C TYR A 83 -30.55 -9.88 26.50
N ILE A 84 -31.66 -9.67 27.22
CA ILE A 84 -31.91 -8.41 27.89
C ILE A 84 -32.09 -8.59 29.39
N MET A 85 -33.17 -9.26 29.79
CA MET A 85 -33.48 -9.46 31.21
C MET A 85 -32.29 -10.12 31.89
N LYS A 86 -31.92 -11.33 31.46
CA LYS A 86 -30.81 -12.07 32.10
C LYS A 86 -29.53 -11.25 32.21
N GLU A 87 -29.23 -10.45 31.20
CA GLU A 87 -28.06 -9.56 31.20
C GLU A 87 -28.14 -8.46 32.26
N LEU A 88 -29.34 -7.90 32.48
CA LEU A 88 -29.55 -6.95 33.57
C LEU A 88 -29.42 -7.61 34.93
N LEU A 89 -30.04 -8.78 35.12
CA LEU A 89 -29.92 -9.57 36.36
C LEU A 89 -28.48 -9.84 36.80
N ALA A 90 -27.54 -9.85 35.86
CA ALA A 90 -26.13 -10.01 36.19
C ALA A 90 -25.28 -8.79 35.76
N CYS A 91 -25.88 -7.59 35.78
CA CYS A 91 -25.19 -6.31 35.52
C CYS A 91 -24.25 -6.19 34.28
N SER A 92 -24.53 -6.95 33.22
CA SER A 92 -23.71 -6.90 31.99
C SER A 92 -24.54 -6.46 30.76
N HIS A 93 -25.34 -5.42 30.94
CA HIS A 93 -26.10 -4.86 29.83
C HIS A 93 -25.48 -3.52 29.43
N PRO A 94 -24.78 -3.49 28.30
CA PRO A 94 -24.16 -2.27 27.79
C PRO A 94 -25.06 -1.45 26.86
N PHE A 95 -26.36 -1.41 27.14
CA PHE A 95 -27.33 -0.75 26.24
C PHE A 95 -28.07 0.42 26.91
N SER A 96 -28.81 1.17 26.12
CA SER A 96 -29.60 2.31 26.59
C SER A 96 -30.67 1.93 27.60
N LYS A 97 -31.00 2.86 28.48
CA LYS A 97 -32.24 2.75 29.24
C LYS A 97 -33.37 2.87 28.22
N SER A 98 -33.21 3.83 27.30
CA SER A 98 -34.12 4.05 26.16
C SER A 98 -34.49 2.78 25.38
N ALA A 99 -33.53 1.88 25.22
CA ALA A 99 -33.72 0.69 24.38
C ALA A 99 -34.55 -0.36 25.10
N ILE A 100 -34.25 -0.54 26.38
CA ILE A 100 -34.99 -1.45 27.23
C ILE A 100 -36.42 -0.95 27.37
N GLU A 101 -36.57 0.35 27.63
CA GLU A 101 -37.88 0.99 27.82
C GLU A 101 -38.73 0.93 26.53
N HIS A 102 -38.10 0.95 25.36
CA HIS A 102 -38.83 0.72 24.10
C HIS A 102 -39.51 -0.67 24.14
N VAL A 103 -38.71 -1.70 24.41
CA VAL A 103 -39.20 -3.08 24.30
C VAL A 103 -40.15 -3.38 25.46
N GLN A 104 -39.64 -3.26 26.69
CA GLN A 104 -40.42 -3.49 27.90
C GLN A 104 -41.88 -3.09 27.68
N GLY A 105 -42.08 -1.82 27.34
CA GLY A 105 -43.38 -1.20 27.20
C GLY A 105 -44.25 -1.79 26.10
N HIS A 106 -43.63 -2.16 24.99
CA HIS A 106 -44.34 -2.84 23.89
C HIS A 106 -44.82 -4.23 24.27
N LEU A 107 -43.98 -4.96 24.98
CA LEU A 107 -44.25 -6.35 25.30
C LEU A 107 -45.43 -6.55 26.26
N VAL A 108 -45.47 -5.74 27.32
CA VAL A 108 -46.57 -5.80 28.31
C VAL A 108 -47.88 -5.28 27.71
N LYS A 109 -47.73 -4.47 26.68
CA LYS A 109 -48.83 -4.03 25.84
C LYS A 109 -49.02 -5.03 24.69
N LYS A 110 -48.44 -6.23 24.82
CA LYS A 110 -48.49 -7.28 23.78
C LYS A 110 -48.44 -6.73 22.36
N GLN A 111 -47.37 -6.02 22.03
CA GLN A 111 -47.20 -5.43 20.69
C GLN A 111 -45.91 -5.91 20.00
N VAL A 112 -46.07 -6.50 18.81
CA VAL A 112 -44.99 -7.24 18.21
C VAL A 112 -44.95 -7.06 16.68
N PRO A 113 -44.42 -5.92 16.23
CA PRO A 113 -44.16 -5.73 14.81
C PRO A 113 -42.71 -6.11 14.46
N PRO A 114 -42.43 -6.50 13.18
CA PRO A 114 -41.10 -6.98 12.76
C PRO A 114 -39.89 -6.06 13.06
N ASP A 115 -40.11 -4.75 13.09
CA ASP A 115 -39.07 -3.79 13.45
C ASP A 115 -39.01 -3.47 14.95
N LEU A 116 -39.44 -4.41 15.79
CA LEU A 116 -39.48 -4.22 17.24
C LEU A 116 -38.13 -3.83 17.88
N PHE A 117 -37.08 -4.60 17.57
CA PHE A 117 -35.77 -4.43 18.19
C PHE A 117 -34.83 -3.52 17.35
N GLN A 118 -35.40 -2.63 16.54
CA GLN A 118 -34.59 -1.84 15.63
C GLN A 118 -33.55 -1.03 16.41
N PRO A 119 -33.95 -0.46 17.56
CA PRO A 119 -33.00 0.38 18.30
C PRO A 119 -31.80 -0.36 18.93
N TYR A 120 -31.92 -1.69 19.10
CA TYR A 120 -30.77 -2.50 19.53
C TYR A 120 -29.81 -2.65 18.35
N ILE A 121 -30.35 -2.91 17.16
CA ILE A 121 -29.52 -3.00 15.94
C ILE A 121 -28.45 -1.88 15.89
N GLU A 122 -28.85 -0.62 16.07
CA GLU A 122 -27.86 0.46 16.02
C GLU A 122 -26.87 0.33 17.14
N GLU A 123 -27.34 -0.08 18.31
CA GLU A 123 -26.49 -0.12 19.49
C GLU A 123 -25.60 -1.36 19.57
N ILE A 124 -26.05 -2.47 19.00
CA ILE A 124 -25.18 -3.65 18.90
C ILE A 124 -24.04 -3.25 17.97
N CYS A 125 -24.38 -2.55 16.87
CA CYS A 125 -23.38 -2.08 15.93
C CYS A 125 -22.34 -1.22 16.64
N GLN A 126 -22.76 -0.16 17.33
CA GLN A 126 -21.82 0.69 18.10
C GLN A 126 -20.95 -0.11 19.08
N ASN A 127 -21.51 -1.12 19.73
CA ASN A 127 -20.71 -1.99 20.60
C ASN A 127 -19.70 -2.90 19.86
N LEU A 128 -19.87 -3.11 18.55
CA LEU A 128 -18.92 -3.91 17.74
C LEU A 128 -17.92 -3.07 16.91
N ARG A 129 -18.33 -1.83 16.58
CA ARG A 129 -17.59 -0.87 15.75
C ARG A 129 -16.18 -0.59 16.25
N GLY A 130 -16.00 -0.64 17.58
CA GLY A 130 -14.75 -0.23 18.23
C GLY A 130 -13.70 -1.32 18.41
N ASP A 131 -13.58 -1.82 19.63
CA ASP A 131 -12.49 -2.73 19.99
C ASP A 131 -12.60 -4.04 19.24
N VAL A 132 -13.81 -4.60 19.20
CA VAL A 132 -13.99 -5.87 18.49
C VAL A 132 -13.57 -5.75 17.04
N PHE A 133 -13.95 -4.64 16.39
CA PHE A 133 -13.60 -4.44 15.00
C PHE A 133 -12.08 -4.40 14.78
N GLN A 134 -11.35 -3.72 15.66
CA GLN A 134 -9.89 -3.65 15.57
C GLN A 134 -9.26 -4.99 15.85
N LYS A 135 -9.84 -5.76 16.77
CA LYS A 135 -9.31 -7.09 17.06
C LYS A 135 -9.61 -8.06 15.93
N PHE A 136 -10.73 -7.85 15.24
CA PHE A 136 -11.05 -8.63 14.04
C PHE A 136 -9.97 -8.45 12.98
N ILE A 137 -9.59 -7.19 12.76
CA ILE A 137 -8.59 -6.84 11.76
C ILE A 137 -7.24 -7.46 12.09
N GLU A 138 -6.92 -7.57 13.38
CA GLU A 138 -5.77 -8.37 13.86
C GLU A 138 -5.85 -9.85 13.36
N SER A 139 -7.05 -10.41 13.23
CA SER A 139 -7.20 -11.87 13.15
C SER A 139 -6.90 -12.46 11.79
N ASP A 140 -6.75 -13.77 11.77
CA ASP A 140 -6.58 -14.52 10.53
C ASP A 140 -7.85 -14.42 9.67
N LYS A 141 -8.97 -14.10 10.30
CA LYS A 141 -10.23 -13.98 9.57
C LYS A 141 -10.25 -12.78 8.64
N PHE A 142 -9.67 -11.66 9.04
CA PHE A 142 -9.46 -10.53 8.11
C PHE A 142 -8.45 -10.91 7.01
N THR A 143 -7.50 -11.77 7.35
CA THR A 143 -6.59 -12.28 6.32
C THR A 143 -7.46 -12.97 5.26
N ARG A 144 -8.36 -13.81 5.74
CA ARG A 144 -9.20 -14.56 4.82
C ARG A 144 -10.05 -13.62 4.00
N PHE A 145 -10.53 -12.54 4.63
CA PHE A 145 -11.23 -11.50 3.90
C PHE A 145 -10.39 -11.00 2.72
N CYS A 146 -9.13 -10.65 3.01
CA CYS A 146 -8.24 -10.10 1.99
C CYS A 146 -8.02 -11.10 0.88
N GLN A 147 -7.87 -12.36 1.25
CA GLN A 147 -7.73 -13.38 0.22
C GLN A 147 -8.94 -13.44 -0.74
N TRP A 148 -10.17 -13.41 -0.20
CA TRP A 148 -11.40 -13.47 -1.02
C TRP A 148 -11.61 -12.22 -1.86
N LYS A 149 -11.20 -11.08 -1.29
CA LYS A 149 -11.26 -9.84 -2.03
C LYS A 149 -10.25 -9.83 -3.15
N ASN A 150 -9.08 -10.42 -2.94
CA ASN A 150 -8.12 -10.39 -4.04
C ASN A 150 -8.75 -11.04 -5.27
N VAL A 151 -9.49 -12.10 -5.03
CA VAL A 151 -10.14 -12.78 -6.11
C VAL A 151 -11.24 -11.86 -6.71
N GLU A 152 -12.09 -11.30 -5.86
CA GLU A 152 -13.17 -10.44 -6.34
C GLU A 152 -12.61 -9.41 -7.28
N LEU A 153 -11.59 -8.70 -6.79
CA LEU A 153 -11.06 -7.57 -7.52
C LEU A 153 -10.23 -7.99 -8.67
N ASN A 154 -10.02 -9.28 -8.85
CA ASN A 154 -9.26 -9.82 -9.99
C ASN A 154 -10.04 -10.65 -11.03
N ILE A 155 -11.36 -10.49 -11.06
CA ILE A 155 -12.21 -11.21 -11.99
C ILE A 155 -12.04 -10.66 -13.41
N HIS A 156 -11.71 -11.53 -14.37
CA HIS A 156 -11.86 -11.19 -15.79
C HIS A 156 -12.41 -12.41 -16.48
N LEU A 157 -13.54 -12.21 -17.14
CA LEU A 157 -14.35 -13.29 -17.65
C LEU A 157 -14.28 -13.34 -19.16
N THR A 158 -14.48 -14.55 -19.66
CA THR A 158 -14.42 -14.86 -21.07
C THR A 158 -15.39 -16.00 -21.29
N MET A 159 -15.85 -16.21 -22.52
CA MET A 159 -16.85 -17.26 -22.78
C MET A 159 -16.46 -18.62 -22.17
N ASN A 160 -15.19 -18.76 -21.89
CA ASN A 160 -14.61 -19.99 -21.44
C ASN A 160 -14.89 -20.27 -19.97
N ASP A 161 -15.23 -19.20 -19.25
CA ASP A 161 -15.59 -19.29 -17.84
C ASP A 161 -17.00 -19.88 -17.69
N PHE A 162 -17.66 -20.04 -18.84
CA PHE A 162 -19.01 -20.57 -18.90
C PHE A 162 -19.14 -21.76 -19.83
N SER A 163 -20.04 -22.64 -19.43
CA SER A 163 -20.34 -23.82 -20.19
C SER A 163 -21.68 -23.52 -20.85
N VAL A 164 -21.66 -23.01 -22.08
CA VAL A 164 -22.88 -22.50 -22.72
C VAL A 164 -23.83 -23.58 -23.29
N HIS A 165 -25.13 -23.46 -23.02
CA HIS A 165 -26.13 -24.43 -23.49
C HIS A 165 -27.04 -23.80 -24.53
N ARG A 166 -28.34 -24.12 -24.51
CA ARG A 166 -29.22 -23.82 -25.65
C ARG A 166 -29.93 -22.49 -25.62
N ILE A 167 -30.41 -22.09 -26.79
CA ILE A 167 -30.97 -20.75 -27.01
C ILE A 167 -32.30 -20.71 -26.27
N ILE A 168 -32.52 -19.62 -25.54
CA ILE A 168 -33.81 -19.37 -24.86
C ILE A 168 -34.42 -18.02 -25.19
N GLY A 169 -33.85 -17.29 -26.13
CA GLY A 169 -34.39 -15.97 -26.46
C GLY A 169 -33.53 -15.25 -27.49
N ARG A 170 -34.13 -14.24 -28.14
CA ARG A 170 -33.51 -13.59 -29.29
C ARG A 170 -34.20 -12.26 -29.62
N GLY A 171 -33.42 -11.27 -30.04
CA GLY A 171 -33.95 -10.02 -30.58
C GLY A 171 -33.07 -9.42 -31.66
N GLY A 172 -33.34 -8.16 -31.98
CA GLY A 172 -32.53 -7.43 -32.95
C GLY A 172 -31.04 -7.74 -32.88
N PHE A 173 -30.44 -7.59 -31.70
CA PHE A 173 -29.01 -7.53 -31.59
C PHE A 173 -28.33 -8.82 -31.20
N GLY A 174 -29.09 -9.84 -30.82
CA GLY A 174 -28.47 -11.13 -30.50
C GLY A 174 -29.37 -12.10 -29.78
N GLU A 175 -28.75 -13.01 -29.03
CA GLU A 175 -29.41 -14.16 -28.43
C GLU A 175 -29.15 -14.29 -26.92
N VAL A 176 -30.04 -15.01 -26.25
CA VAL A 176 -29.79 -15.42 -24.90
C VAL A 176 -29.72 -16.92 -24.83
N TYR A 177 -28.69 -17.41 -24.16
CA TYR A 177 -28.46 -18.82 -23.94
C TYR A 177 -28.54 -19.04 -22.47
N GLY A 178 -28.79 -20.27 -22.07
CA GLY A 178 -28.65 -20.63 -20.68
C GLY A 178 -27.25 -21.15 -20.49
N CYS A 179 -26.75 -21.08 -19.26
CA CYS A 179 -25.36 -21.46 -19.03
C CYS A 179 -25.00 -21.68 -17.58
N ARG A 180 -23.83 -22.26 -17.40
CA ARG A 180 -23.33 -22.61 -16.09
C ARG A 180 -21.91 -22.05 -15.93
N LYS A 181 -21.74 -21.16 -14.99
CA LYS A 181 -20.44 -20.64 -14.63
C LYS A 181 -19.59 -21.75 -13.95
N ALA A 182 -18.53 -22.19 -14.62
CA ALA A 182 -17.74 -23.35 -14.17
C ALA A 182 -17.18 -23.23 -12.73
N ASP A 183 -16.45 -22.15 -12.44
CA ASP A 183 -16.18 -21.68 -11.06
C ASP A 183 -16.98 -22.36 -9.94
N THR A 184 -18.29 -22.11 -9.94
CA THR A 184 -19.17 -22.30 -8.78
C THR A 184 -20.39 -23.20 -9.05
N GLY A 185 -20.60 -23.57 -10.30
CA GLY A 185 -21.81 -24.29 -10.65
C GLY A 185 -23.01 -23.43 -11.02
N LYS A 186 -23.05 -22.16 -10.64
CA LYS A 186 -24.31 -21.39 -10.65
C LYS A 186 -24.86 -21.23 -12.04
N MET A 187 -26.20 -21.35 -12.17
CA MET A 187 -26.87 -21.28 -13.47
C MET A 187 -27.36 -19.86 -13.77
N TYR A 188 -27.25 -19.52 -15.03
CA TYR A 188 -27.49 -18.16 -15.46
C TYR A 188 -27.97 -18.17 -16.90
N ALA A 189 -28.55 -17.06 -17.29
CA ALA A 189 -28.69 -16.75 -18.67
C ALA A 189 -27.43 -16.04 -19.09
N MET A 190 -27.04 -16.20 -20.34
CA MET A 190 -26.08 -15.31 -20.96
C MET A 190 -26.69 -14.68 -22.17
N LYS A 191 -26.94 -13.38 -22.08
CA LYS A 191 -27.24 -12.57 -23.24
C LYS A 191 -25.97 -12.32 -24.06
N CYS A 192 -26.05 -12.33 -25.39
CA CYS A 192 -24.88 -12.09 -26.25
CA CYS A 192 -24.90 -12.11 -26.26
C CYS A 192 -25.26 -11.20 -27.42
N LEU A 193 -24.75 -9.98 -27.43
CA LEU A 193 -25.06 -9.03 -28.48
C LEU A 193 -23.94 -8.96 -29.50
N ASP A 194 -24.27 -9.13 -30.80
CA ASP A 194 -23.28 -8.96 -31.87
C ASP A 194 -22.96 -7.48 -32.12
N LYS A 195 -21.69 -7.11 -31.87
CA LYS A 195 -21.21 -5.73 -32.06
C LYS A 195 -21.38 -5.19 -33.46
N LYS A 196 -21.16 -6.05 -34.46
CA LYS A 196 -21.37 -5.67 -35.86
C LYS A 196 -22.85 -5.35 -36.10
N ARG A 197 -23.73 -6.28 -35.71
CA ARG A 197 -25.19 -6.07 -35.85
C ARG A 197 -25.69 -4.84 -35.12
N ILE A 198 -25.00 -4.48 -34.04
CA ILE A 198 -25.25 -3.20 -33.37
C ILE A 198 -24.84 -2.04 -34.28
N LYS A 199 -23.55 -1.90 -34.57
CA LYS A 199 -23.00 -0.80 -35.40
C LYS A 199 -23.89 -0.45 -36.58
N MET A 200 -24.26 -1.50 -37.31
CA MET A 200 -25.15 -1.42 -38.47
C MET A 200 -26.42 -0.64 -38.15
N LYS A 201 -27.30 -1.23 -37.33
CA LYS A 201 -28.56 -0.58 -36.94
C LYS A 201 -28.32 0.63 -36.04
N GLN A 202 -27.08 0.81 -35.59
CA GLN A 202 -26.58 2.09 -35.08
C GLN A 202 -27.19 2.41 -33.70
N GLY A 203 -27.09 1.43 -32.80
CA GLY A 203 -27.62 1.57 -31.44
C GLY A 203 -26.60 1.10 -30.43
N GLU A 204 -25.57 1.89 -30.22
CA GLU A 204 -24.55 1.54 -29.27
C GLU A 204 -24.98 2.07 -27.91
N THR A 205 -25.55 3.26 -27.91
CA THR A 205 -26.15 3.84 -26.72
C THR A 205 -27.10 2.85 -26.05
N LEU A 206 -28.00 2.30 -26.87
CA LEU A 206 -28.97 1.32 -26.41
C LEU A 206 -28.36 0.11 -25.73
N ALA A 207 -27.28 -0.44 -26.28
CA ALA A 207 -26.61 -1.53 -25.59
C ALA A 207 -25.97 -1.00 -24.32
N LEU A 208 -25.16 0.03 -24.47
CA LEU A 208 -24.56 0.69 -23.31
C LEU A 208 -25.57 0.98 -22.21
N ASN A 209 -26.80 1.33 -22.59
CA ASN A 209 -27.81 1.81 -21.65
C ASN A 209 -28.38 0.71 -20.79
N GLU A 210 -28.77 -0.38 -21.44
CA GLU A 210 -29.18 -1.58 -20.77
C GLU A 210 -28.23 -1.91 -19.61
N ARG A 211 -26.92 -1.90 -19.89
CA ARG A 211 -25.90 -2.19 -18.87
C ARG A 211 -25.95 -1.22 -17.71
N ILE A 212 -26.10 0.07 -18.01
CA ILE A 212 -26.15 1.10 -16.98
C ILE A 212 -27.44 1.01 -16.18
N MET A 213 -28.52 0.58 -16.82
CA MET A 213 -29.79 0.47 -16.14
C MET A 213 -29.78 -0.76 -15.22
N LEU A 214 -29.40 -1.92 -15.79
CA LEU A 214 -29.14 -3.11 -14.97
C LEU A 214 -28.35 -2.79 -13.69
N SER A 215 -27.25 -2.07 -13.87
CA SER A 215 -26.36 -1.73 -12.76
C SER A 215 -27.01 -0.86 -11.67
N LEU A 216 -28.10 -0.15 -11.99
CA LEU A 216 -28.81 0.66 -10.99
C LEU A 216 -29.81 -0.15 -10.20
N VAL A 217 -30.34 -1.20 -10.81
CA VAL A 217 -31.43 -1.93 -10.19
C VAL A 217 -31.00 -3.31 -9.73
N SER A 218 -29.79 -3.72 -10.07
CA SER A 218 -29.36 -5.07 -9.77
C SER A 218 -28.95 -5.38 -8.32
N THR A 219 -28.74 -4.41 -7.45
CA THR A 219 -28.53 -4.74 -6.02
C THR A 219 -29.89 -4.94 -5.38
N GLY A 220 -29.95 -5.50 -4.17
CA GLY A 220 -31.19 -5.58 -3.44
C GLY A 220 -31.79 -6.95 -3.44
N ASP A 221 -31.39 -7.77 -4.41
CA ASP A 221 -31.95 -9.11 -4.57
C ASP A 221 -33.51 -9.08 -4.68
N CYS A 222 -33.96 -8.60 -5.84
CA CYS A 222 -35.37 -8.40 -6.08
C CYS A 222 -35.88 -9.58 -6.88
N PRO A 223 -36.89 -10.32 -6.36
CA PRO A 223 -37.40 -11.50 -7.07
C PRO A 223 -38.22 -11.21 -8.33
N PHE A 224 -38.50 -9.94 -8.62
CA PHE A 224 -39.39 -9.54 -9.71
C PHE A 224 -38.74 -8.72 -10.84
N ILE A 225 -37.41 -8.63 -10.83
CA ILE A 225 -36.67 -8.10 -11.99
C ILE A 225 -35.61 -9.08 -12.36
N VAL A 226 -35.32 -9.17 -13.65
CA VAL A 226 -34.22 -10.00 -14.13
C VAL A 226 -32.93 -9.20 -14.12
N CYS A 227 -32.16 -9.46 -13.08
CA CYS A 227 -30.99 -8.67 -12.76
C CYS A 227 -29.64 -9.22 -13.29
N MET A 228 -28.64 -8.35 -13.21
CA MET A 228 -27.31 -8.63 -13.74
C MET A 228 -26.34 -8.94 -12.58
N SER A 229 -25.53 -9.98 -12.77
CA SER A 229 -24.42 -10.33 -11.89
C SER A 229 -23.07 -9.92 -12.48
N TYR A 230 -22.89 -10.04 -13.79
CA TYR A 230 -21.66 -9.58 -14.44
C TYR A 230 -21.88 -9.05 -15.84
N ALA A 231 -20.83 -8.43 -16.36
CA ALA A 231 -20.81 -8.02 -17.75
C ALA A 231 -19.40 -7.95 -18.29
N PHE A 232 -19.17 -8.54 -19.45
CA PHE A 232 -17.87 -8.49 -20.08
C PHE A 232 -18.04 -8.49 -21.59
N HIS A 233 -16.93 -8.41 -22.31
CA HIS A 233 -16.97 -8.50 -23.78
C HIS A 233 -15.76 -9.15 -24.44
N THR A 234 -15.89 -9.34 -25.74
CA THR A 234 -14.82 -9.73 -26.64
C THR A 234 -14.81 -8.75 -27.83
N PRO A 235 -13.69 -8.69 -28.59
CA PRO A 235 -13.71 -8.03 -29.89
C PRO A 235 -15.06 -8.05 -30.63
N ASP A 236 -15.71 -9.21 -30.63
CA ASP A 236 -16.94 -9.44 -31.41
C ASP A 236 -18.25 -9.27 -30.65
N LYS A 237 -18.31 -9.66 -29.39
CA LYS A 237 -19.59 -9.74 -28.68
C LYS A 237 -19.60 -8.97 -27.38
N LEU A 238 -20.76 -8.44 -27.01
CA LEU A 238 -21.05 -8.05 -25.61
C LEU A 238 -21.69 -9.24 -24.84
N SER A 239 -21.45 -9.33 -23.54
CA SER A 239 -22.07 -10.38 -22.72
C SER A 239 -22.61 -9.82 -21.45
N PHE A 240 -23.88 -10.15 -21.19
CA PHE A 240 -24.57 -9.90 -19.93
C PHE A 240 -24.79 -11.24 -19.24
N ILE A 241 -24.43 -11.31 -17.97
CA ILE A 241 -24.80 -12.46 -17.19
C ILE A 241 -25.96 -12.05 -16.30
N LEU A 242 -27.11 -12.64 -16.62
CA LEU A 242 -28.38 -12.26 -16.07
C LEU A 242 -29.02 -13.46 -15.37
N ASP A 243 -30.09 -13.19 -14.63
CA ASP A 243 -30.90 -14.19 -13.95
C ASP A 243 -31.49 -15.10 -15.00
N LEU A 244 -31.54 -16.39 -14.70
CA LEU A 244 -31.99 -17.38 -15.65
C LEU A 244 -33.45 -17.59 -15.47
N MET A 245 -34.21 -17.36 -16.53
CA MET A 245 -35.64 -17.64 -16.52
C MET A 245 -35.92 -18.55 -17.68
N ASN A 246 -36.09 -19.83 -17.46
CA ASN A 246 -36.37 -20.68 -18.62
C ASN A 246 -37.79 -21.22 -18.68
N GLY A 247 -38.75 -20.31 -18.55
CA GLY A 247 -40.16 -20.60 -18.77
C GLY A 247 -40.81 -19.69 -19.80
N GLY A 248 -40.03 -18.91 -20.54
CA GLY A 248 -40.55 -18.15 -21.65
C GLY A 248 -41.16 -16.84 -21.21
N ASP A 249 -41.87 -16.21 -22.10
CA ASP A 249 -42.42 -14.91 -21.80
C ASP A 249 -43.93 -14.97 -21.90
N LEU A 250 -44.59 -13.88 -21.51
CA LEU A 250 -46.04 -13.86 -21.46
C LEU A 250 -46.67 -13.86 -22.85
N HIS A 251 -46.07 -13.12 -23.79
CA HIS A 251 -46.59 -13.06 -25.15
C HIS A 251 -46.86 -14.50 -25.60
N TYR A 252 -45.83 -15.34 -25.56
CA TYR A 252 -45.96 -16.75 -25.95
C TYR A 252 -47.13 -17.37 -25.21
N HIS A 253 -46.99 -17.50 -23.90
CA HIS A 253 -48.00 -18.17 -23.06
C HIS A 253 -49.45 -17.66 -23.20
N LEU A 254 -49.60 -16.38 -23.49
CA LEU A 254 -50.91 -15.77 -23.71
C LEU A 254 -51.53 -16.37 -24.96
N SER A 255 -50.78 -16.32 -26.05
CA SER A 255 -51.17 -16.97 -27.30
C SER A 255 -51.36 -18.48 -27.12
N GLN A 256 -50.59 -19.12 -26.27
CA GLN A 256 -50.80 -20.54 -25.98
C GLN A 256 -52.15 -20.84 -25.30
N HIS A 257 -52.39 -20.13 -24.19
CA HIS A 257 -53.45 -20.44 -23.22
C HIS A 257 -54.79 -19.71 -23.51
N GLY A 258 -54.66 -18.62 -24.26
CA GLY A 258 -55.71 -17.67 -24.42
C GLY A 258 -55.59 -16.58 -23.37
N VAL A 259 -56.61 -15.72 -23.39
CA VAL A 259 -56.75 -14.62 -22.44
C VAL A 259 -57.00 -15.13 -21.04
N PHE A 260 -56.65 -14.28 -20.09
CA PHE A 260 -56.62 -14.63 -18.70
C PHE A 260 -57.84 -14.12 -17.96
N SER A 261 -58.28 -14.95 -17.01
CA SER A 261 -59.29 -14.56 -16.05
C SER A 261 -58.75 -13.44 -15.19
N GLU A 262 -59.58 -12.90 -14.30
CA GLU A 262 -59.18 -11.79 -13.45
C GLU A 262 -58.33 -12.32 -12.31
N ALA A 263 -58.68 -13.47 -11.75
CA ALA A 263 -57.98 -14.04 -10.60
C ALA A 263 -56.57 -14.46 -11.00
N ASP A 264 -56.45 -14.92 -12.26
CA ASP A 264 -55.17 -15.32 -12.86
C ASP A 264 -54.36 -14.07 -13.25
N MET A 265 -55.00 -13.09 -13.87
CA MET A 265 -54.37 -11.77 -14.04
C MET A 265 -53.96 -11.10 -12.70
N ARG A 266 -54.61 -11.44 -11.58
CA ARG A 266 -54.38 -10.74 -10.31
C ARG A 266 -52.97 -11.09 -9.87
N PHE A 267 -52.64 -12.37 -10.05
CA PHE A 267 -51.32 -12.88 -9.76
C PHE A 267 -50.24 -12.14 -10.59
N TYR A 268 -50.35 -12.08 -11.91
CA TYR A 268 -49.31 -11.44 -12.70
C TYR A 268 -49.11 -9.96 -12.33
N ALA A 269 -50.18 -9.29 -11.95
CA ALA A 269 -50.10 -7.84 -11.75
C ALA A 269 -49.42 -7.53 -10.44
N ALA A 270 -49.64 -8.37 -9.45
CA ALA A 270 -49.03 -8.18 -8.13
C ALA A 270 -47.51 -8.17 -8.29
N GLU A 271 -46.99 -9.30 -8.73
CA GLU A 271 -45.56 -9.53 -8.87
C GLU A 271 -44.90 -8.42 -9.74
N ILE A 272 -45.58 -8.03 -10.82
CA ILE A 272 -45.10 -6.97 -11.72
C ILE A 272 -45.04 -5.61 -11.03
N ILE A 273 -45.96 -5.39 -10.09
CA ILE A 273 -46.04 -4.11 -9.39
C ILE A 273 -44.81 -4.01 -8.53
N LEU A 274 -44.58 -5.05 -7.75
CA LEU A 274 -43.45 -5.07 -6.85
C LEU A 274 -42.11 -4.74 -7.57
N GLY A 275 -41.99 -5.15 -8.85
CA GLY A 275 -40.77 -4.88 -9.62
C GLY A 275 -40.73 -3.45 -10.04
N LEU A 276 -41.89 -2.95 -10.46
CA LEU A 276 -42.04 -1.54 -10.76
C LEU A 276 -41.69 -0.68 -9.52
N GLU A 277 -42.28 -1.01 -8.39
CA GLU A 277 -41.91 -0.32 -7.16
C GLU A 277 -40.39 -0.20 -7.10
N HIS A 278 -39.71 -1.33 -7.18
CA HIS A 278 -38.26 -1.41 -7.01
C HIS A 278 -37.50 -0.48 -7.94
N MET A 279 -37.90 -0.53 -9.20
CA MET A 279 -37.24 0.29 -10.16
C MET A 279 -37.54 1.73 -9.87
N HIS A 280 -38.81 2.05 -9.62
CA HIS A 280 -39.20 3.43 -9.35
C HIS A 280 -38.50 3.97 -8.11
N ASN A 281 -38.40 3.15 -7.07
CA ASN A 281 -37.61 3.51 -5.91
C ASN A 281 -36.15 3.82 -6.22
N ARG A 282 -35.56 3.15 -7.22
CA ARG A 282 -34.20 3.51 -7.63
C ARG A 282 -34.15 4.54 -8.73
N PHE A 283 -35.26 5.25 -8.91
CA PHE A 283 -35.37 6.39 -9.82
C PHE A 283 -35.13 5.91 -11.23
N VAL A 284 -35.82 4.82 -11.58
CA VAL A 284 -35.75 4.26 -12.93
C VAL A 284 -37.15 3.94 -13.51
N VAL A 285 -37.43 4.47 -14.71
CA VAL A 285 -38.65 4.12 -15.46
C VAL A 285 -38.29 3.14 -16.55
N TYR A 286 -39.18 2.20 -16.77
CA TYR A 286 -38.95 1.11 -17.72
C TYR A 286 -39.37 1.51 -19.16
N ARG A 287 -40.56 2.06 -19.30
CA ARG A 287 -41.06 2.62 -20.58
C ARG A 287 -41.60 1.62 -21.61
N ASP A 288 -41.12 0.39 -21.60
CA ASP A 288 -41.49 -0.56 -22.64
C ASP A 288 -42.22 -1.76 -22.07
N LEU A 289 -43.07 -1.53 -21.06
CA LEU A 289 -43.76 -2.62 -20.39
C LEU A 289 -44.86 -3.26 -21.26
N LYS A 290 -44.85 -4.59 -21.33
CA LYS A 290 -45.56 -5.35 -22.35
C LYS A 290 -45.41 -6.83 -21.99
N PRO A 291 -46.35 -7.71 -22.41
CA PRO A 291 -46.28 -9.12 -21.96
C PRO A 291 -45.00 -9.85 -22.34
N ALA A 292 -44.52 -9.59 -23.55
CA ALA A 292 -43.25 -10.14 -24.02
C ALA A 292 -41.97 -9.80 -23.18
N ASN A 293 -42.00 -8.76 -22.33
CA ASN A 293 -40.90 -8.49 -21.38
C ASN A 293 -41.11 -9.00 -19.96
N ILE A 294 -42.07 -9.90 -19.82
CA ILE A 294 -42.36 -10.53 -18.57
C ILE A 294 -41.95 -11.96 -18.78
N LEU A 295 -40.94 -12.43 -18.08
CA LEU A 295 -40.51 -13.80 -18.30
C LEU A 295 -41.06 -14.61 -17.16
N LEU A 296 -41.39 -15.85 -17.42
CA LEU A 296 -41.84 -16.75 -16.39
C LEU A 296 -40.69 -17.64 -16.04
N ASP A 297 -40.58 -17.99 -14.76
CA ASP A 297 -39.54 -18.89 -14.33
C ASP A 297 -40.16 -20.28 -14.41
N GLU A 298 -39.55 -21.27 -13.81
CA GLU A 298 -39.84 -22.69 -14.05
C GLU A 298 -41.13 -23.11 -13.30
N HIS A 299 -41.49 -22.34 -12.26
CA HIS A 299 -42.68 -22.59 -11.46
C HIS A 299 -43.88 -21.73 -11.85
N GLY A 300 -43.64 -20.61 -12.52
CA GLY A 300 -44.72 -19.72 -12.97
C GLY A 300 -44.60 -18.25 -12.57
N HIS A 301 -43.71 -17.93 -11.62
CA HIS A 301 -43.59 -16.57 -11.13
C HIS A 301 -42.92 -15.80 -12.21
N VAL A 302 -43.14 -14.49 -12.23
CA VAL A 302 -42.66 -13.68 -13.34
C VAL A 302 -41.73 -12.59 -12.87
N ARG A 303 -41.09 -11.93 -13.86
CA ARG A 303 -40.08 -10.90 -13.63
C ARG A 303 -40.08 -9.94 -14.79
N ILE A 304 -39.66 -8.71 -14.52
CA ILE A 304 -39.53 -7.76 -15.63
C ILE A 304 -38.09 -7.91 -16.13
N SER A 305 -37.94 -8.05 -17.45
CA SER A 305 -36.60 -8.23 -18.03
C SER A 305 -36.37 -7.24 -19.13
N ASP A 306 -35.11 -7.03 -19.49
CA ASP A 306 -34.69 -6.27 -20.67
C ASP A 306 -34.78 -4.75 -20.53
N LEU A 307 -33.84 -4.18 -19.79
CA LEU A 307 -33.89 -2.75 -19.50
C LEU A 307 -33.33 -1.84 -20.61
N GLY A 308 -33.24 -2.35 -21.85
CA GLY A 308 -32.76 -1.53 -22.95
C GLY A 308 -33.33 -0.12 -23.02
N LEU A 309 -34.66 -0.02 -23.07
CA LEU A 309 -35.36 1.26 -23.27
C LEU A 309 -35.68 2.00 -21.97
N ALA A 310 -35.32 1.41 -20.83
CA ALA A 310 -35.46 2.09 -19.55
C ALA A 310 -34.59 3.30 -19.48
N CYS A 311 -34.77 4.10 -18.43
CA CYS A 311 -34.21 5.45 -18.36
C CYS A 311 -34.21 5.98 -16.94
N ASP A 312 -33.23 6.82 -16.63
CA ASP A 312 -33.02 7.36 -15.29
C ASP A 312 -33.63 8.75 -15.28
N PHE A 313 -34.35 9.06 -14.20
CA PHE A 313 -34.95 10.38 -13.98
C PHE A 313 -34.51 10.97 -12.64
N SER A 314 -33.38 10.48 -12.12
CA SER A 314 -32.83 10.99 -10.88
C SER A 314 -32.46 12.47 -11.03
N LYS A 315 -32.20 12.92 -12.26
CA LYS A 315 -32.03 14.35 -12.51
C LYS A 315 -32.91 14.86 -13.67
N LYS A 316 -32.47 14.72 -14.91
CA LYS A 316 -33.30 15.08 -16.07
C LYS A 316 -34.34 13.97 -16.31
N LYS A 317 -35.56 14.38 -16.61
CA LYS A 317 -36.60 13.39 -16.82
C LYS A 317 -37.02 13.39 -18.29
N PRO A 318 -37.26 12.18 -18.84
CA PRO A 318 -37.46 11.98 -20.28
C PRO A 318 -38.67 12.71 -20.84
N HIS A 319 -38.54 13.18 -22.08
CA HIS A 319 -39.64 13.79 -22.81
C HIS A 319 -40.10 12.95 -24.02
N ALA A 320 -39.22 12.04 -24.47
CA ALA A 320 -39.34 11.46 -25.82
C ALA A 320 -40.21 10.20 -25.85
N SER A 321 -40.84 9.96 -26.99
CA SER A 321 -41.77 8.83 -27.13
C SER A 321 -41.03 7.49 -27.35
N VAL A 322 -41.07 6.63 -26.32
CA VAL A 322 -40.36 5.34 -26.34
C VAL A 322 -41.25 4.21 -25.82
N GLY A 323 -41.23 3.09 -26.54
CA GLY A 323 -41.97 1.90 -26.17
C GLY A 323 -42.81 1.36 -27.31
N THR A 324 -43.61 0.36 -26.99
CA THR A 324 -44.51 -0.27 -27.94
C THR A 324 -45.82 0.56 -27.97
N HIS A 325 -46.76 0.29 -28.88
CA HIS A 325 -47.74 1.32 -29.28
C HIS A 325 -49.02 1.53 -28.46
N GLY A 326 -49.70 0.43 -28.11
CA GLY A 326 -50.85 0.50 -27.21
C GLY A 326 -50.50 0.39 -25.72
N TYR A 327 -49.22 0.59 -25.39
CA TYR A 327 -48.75 0.68 -24.00
C TYR A 327 -48.11 2.03 -23.68
N MET A 328 -47.89 2.86 -24.69
CA MET A 328 -47.34 4.17 -24.43
C MET A 328 -48.45 5.09 -23.92
N ALA A 329 -48.13 5.79 -22.83
CA ALA A 329 -49.03 6.76 -22.23
C ALA A 329 -49.09 8.01 -23.11
N PRO A 330 -50.09 8.88 -22.91
CA PRO A 330 -50.15 10.23 -23.47
C PRO A 330 -48.88 11.10 -23.31
N GLU A 331 -48.48 11.38 -22.07
CA GLU A 331 -47.31 12.25 -21.82
C GLU A 331 -46.03 11.71 -22.50
N VAL A 332 -45.96 10.39 -22.64
CA VAL A 332 -44.91 9.76 -23.43
C VAL A 332 -44.97 10.38 -24.84
N LEU A 333 -46.07 10.11 -25.54
CA LEU A 333 -46.21 10.37 -26.99
C LEU A 333 -46.10 11.84 -27.43
N GLN A 334 -46.41 12.75 -26.50
CA GLN A 334 -46.17 14.18 -26.71
C GLN A 334 -44.67 14.46 -26.58
N LYS A 335 -43.96 14.57 -27.72
CA LYS A 335 -42.56 14.99 -27.67
C LYS A 335 -42.52 16.35 -26.98
N GLY A 336 -41.35 16.70 -26.46
CA GLY A 336 -41.22 17.91 -25.69
C GLY A 336 -41.78 17.69 -24.30
N VAL A 337 -43.01 17.17 -24.22
CA VAL A 337 -43.66 16.81 -22.94
C VAL A 337 -42.89 15.76 -22.08
N ALA A 338 -42.44 16.21 -20.91
CA ALA A 338 -41.65 15.38 -19.99
C ALA A 338 -42.51 14.29 -19.33
N TYR A 339 -41.86 13.34 -18.66
CA TYR A 339 -42.55 12.31 -17.86
C TYR A 339 -41.61 11.46 -17.00
N ASP A 340 -42.20 10.63 -16.15
CA ASP A 340 -41.46 9.68 -15.30
C ASP A 340 -42.29 8.38 -14.95
N SER A 341 -42.23 7.91 -13.69
CA SER A 341 -43.01 6.75 -13.22
C SER A 341 -44.35 6.61 -13.92
N SER A 342 -45.00 7.77 -14.11
CA SER A 342 -46.26 7.92 -14.81
C SER A 342 -46.55 6.84 -15.87
N ALA A 343 -45.66 6.66 -16.83
CA ALA A 343 -45.98 5.87 -18.04
C ALA A 343 -46.12 4.37 -17.75
N ASP A 344 -45.27 3.84 -16.88
CA ASP A 344 -45.35 2.43 -16.48
C ASP A 344 -46.73 2.13 -15.93
N TRP A 345 -47.20 2.99 -15.03
CA TRP A 345 -48.52 2.81 -14.43
C TRP A 345 -49.58 2.74 -15.54
N PHE A 346 -49.48 3.63 -16.51
CA PHE A 346 -50.37 3.57 -17.67
C PHE A 346 -50.22 2.25 -18.40
N SER A 347 -48.99 1.90 -18.74
CA SER A 347 -48.74 0.68 -19.51
C SER A 347 -49.30 -0.52 -18.80
N LEU A 348 -49.00 -0.59 -17.50
CA LEU A 348 -49.51 -1.64 -16.67
C LEU A 348 -50.96 -1.81 -17.01
N GLY A 349 -51.70 -0.69 -17.03
CA GLY A 349 -53.13 -0.69 -17.41
C GLY A 349 -53.39 -1.39 -18.73
N CYS A 350 -52.69 -0.96 -19.77
CA CYS A 350 -52.89 -1.51 -21.09
C CYS A 350 -52.47 -2.97 -21.13
N MET A 351 -51.37 -3.26 -20.45
CA MET A 351 -50.85 -4.62 -20.35
C MET A 351 -51.87 -5.56 -19.66
N LEU A 352 -52.39 -5.14 -18.51
CA LEU A 352 -53.37 -5.92 -17.79
C LEU A 352 -54.68 -6.05 -18.57
N PHE A 353 -55.02 -4.98 -19.26
CA PHE A 353 -56.16 -5.03 -20.15
C PHE A 353 -55.92 -6.16 -21.14
N LYS A 354 -54.78 -6.10 -21.83
CA LYS A 354 -54.45 -7.08 -22.85
C LYS A 354 -54.45 -8.53 -22.37
N LEU A 355 -54.17 -8.81 -21.10
CA LEU A 355 -54.19 -10.19 -20.65
C LEU A 355 -55.61 -10.74 -20.50
N LEU A 356 -56.56 -9.84 -20.27
CA LEU A 356 -57.96 -10.23 -20.08
C LEU A 356 -58.69 -10.34 -21.40
N ARG A 357 -58.55 -9.30 -22.23
CA ARG A 357 -59.35 -9.16 -23.43
C ARG A 357 -58.55 -9.23 -24.74
N GLY A 358 -57.36 -9.86 -24.69
CA GLY A 358 -56.64 -10.34 -25.89
C GLY A 358 -55.88 -9.38 -26.78
N HIS A 359 -55.96 -8.08 -26.51
CA HIS A 359 -55.27 -7.08 -27.35
C HIS A 359 -55.29 -5.81 -26.56
N SER A 360 -54.43 -4.88 -26.95
CA SER A 360 -54.31 -3.62 -26.25
C SER A 360 -55.64 -2.93 -26.33
N PRO A 361 -56.06 -2.27 -25.24
CA PRO A 361 -57.36 -1.62 -25.27
C PRO A 361 -57.45 -0.56 -26.36
N PHE A 362 -56.31 -0.07 -26.85
CA PHE A 362 -56.29 0.91 -27.93
C PHE A 362 -55.94 0.30 -29.30
N ARG A 363 -56.00 -1.02 -29.43
CA ARG A 363 -55.83 -1.69 -30.73
C ARG A 363 -57.19 -2.24 -31.09
N GLN A 364 -57.94 -1.42 -31.79
CA GLN A 364 -59.30 -1.75 -32.20
C GLN A 364 -59.27 -2.69 -33.40
N HIS A 365 -60.06 -3.76 -33.30
CA HIS A 365 -60.34 -4.72 -34.40
C HIS A 365 -59.13 -5.06 -35.31
N LYS A 366 -58.16 -5.78 -34.75
CA LYS A 366 -57.04 -6.35 -35.51
C LYS A 366 -56.24 -5.30 -36.31
N THR A 367 -56.47 -4.01 -36.01
CA THR A 367 -55.86 -2.95 -36.80
C THR A 367 -54.38 -2.98 -36.55
N LYS A 368 -53.61 -2.72 -37.62
CA LYS A 368 -52.16 -2.58 -37.54
C LYS A 368 -51.82 -1.16 -38.04
N ASP A 369 -52.44 -0.19 -37.39
CA ASP A 369 -52.41 1.23 -37.79
C ASP A 369 -51.87 2.07 -36.63
N LYS A 370 -50.53 2.15 -36.54
CA LYS A 370 -49.81 3.00 -35.59
C LYS A 370 -50.53 4.32 -35.27
N HIS A 371 -50.59 5.22 -36.26
CA HIS A 371 -51.04 6.58 -36.02
C HIS A 371 -52.50 6.63 -35.59
N GLU A 372 -53.26 5.54 -35.83
CA GLU A 372 -54.62 5.37 -35.27
C GLU A 372 -54.60 5.05 -33.78
N ILE A 373 -53.80 4.07 -33.39
CA ILE A 373 -53.66 3.66 -31.97
C ILE A 373 -53.05 4.81 -31.16
N ASP A 374 -52.06 5.48 -31.74
CA ASP A 374 -51.54 6.74 -31.21
C ASP A 374 -52.72 7.68 -30.87
N ARG A 375 -53.39 8.22 -31.89
CA ARG A 375 -54.38 9.32 -31.74
C ARG A 375 -55.61 9.01 -30.85
N MET A 376 -56.03 7.74 -30.76
CA MET A 376 -57.17 7.39 -29.90
C MET A 376 -56.75 7.34 -28.42
N THR A 377 -55.52 6.88 -28.17
CA THR A 377 -54.94 6.88 -26.83
C THR A 377 -54.77 8.32 -26.33
N LEU A 378 -54.54 9.24 -27.26
CA LEU A 378 -54.33 10.65 -26.95
C LEU A 378 -55.53 11.36 -26.31
N THR A 379 -56.74 11.01 -26.73
CA THR A 379 -57.92 11.74 -26.25
C THR A 379 -59.24 10.93 -26.26
N MET A 380 -59.19 9.68 -25.75
CA MET A 380 -60.40 8.81 -25.58
C MET A 380 -60.16 7.64 -24.57
N ALA A 381 -60.88 7.64 -23.45
CA ALA A 381 -60.89 6.48 -22.53
C ALA A 381 -61.82 5.45 -23.15
N VAL A 382 -61.80 4.22 -22.62
CA VAL A 382 -62.38 3.09 -23.37
C VAL A 382 -63.49 2.39 -22.62
N GLU A 383 -64.57 2.10 -23.32
CA GLU A 383 -65.63 1.31 -22.71
C GLU A 383 -64.98 -0.01 -22.40
N LEU A 384 -64.93 -0.30 -21.12
CA LEU A 384 -64.37 -1.52 -20.66
C LEU A 384 -65.52 -2.50 -20.62
N PRO A 385 -65.41 -3.66 -21.31
CA PRO A 385 -66.47 -4.66 -21.26
C PRO A 385 -67.29 -4.72 -19.96
N ASP A 386 -68.60 -4.84 -20.11
CA ASP A 386 -69.52 -4.94 -18.97
C ASP A 386 -69.06 -6.05 -18.01
N SER A 387 -68.37 -7.06 -18.56
CA SER A 387 -67.94 -8.22 -17.79
C SER A 387 -66.90 -7.92 -16.72
N PHE A 388 -66.11 -6.85 -16.87
CA PHE A 388 -65.16 -6.49 -15.81
C PHE A 388 -65.88 -6.03 -14.59
N SER A 389 -65.56 -6.66 -13.47
CA SER A 389 -66.06 -6.26 -12.17
C SER A 389 -65.76 -4.77 -11.88
N PRO A 390 -66.49 -4.19 -10.92
CA PRO A 390 -66.31 -2.78 -10.56
C PRO A 390 -64.90 -2.49 -10.08
N GLU A 391 -64.35 -3.41 -9.29
CA GLU A 391 -63.02 -3.25 -8.73
C GLU A 391 -61.90 -3.22 -9.82
N LEU A 392 -61.87 -4.20 -10.72
CA LEU A 392 -60.97 -4.17 -11.85
C LEU A 392 -61.22 -2.90 -12.64
N ARG A 393 -62.49 -2.66 -12.91
CA ARG A 393 -62.94 -1.45 -13.60
C ARG A 393 -62.34 -0.24 -12.94
N SER A 394 -62.44 -0.19 -11.61
CA SER A 394 -61.93 0.95 -10.85
C SER A 394 -60.44 1.08 -11.07
N LEU A 395 -59.76 -0.06 -10.98
CA LEU A 395 -58.31 -0.14 -11.10
C LEU A 395 -57.88 0.37 -12.45
N LEU A 396 -58.42 -0.22 -13.51
CA LEU A 396 -58.04 0.20 -14.84
C LEU A 396 -58.29 1.69 -15.12
N GLU A 397 -59.42 2.23 -14.66
CA GLU A 397 -59.69 3.66 -14.91
C GLU A 397 -58.80 4.56 -14.02
N GLY A 398 -58.46 4.07 -12.84
CA GLY A 398 -57.41 4.66 -12.02
C GLY A 398 -56.06 4.70 -12.75
N LEU A 399 -55.70 3.58 -13.39
CA LEU A 399 -54.39 3.47 -14.05
C LEU A 399 -54.33 4.19 -15.39
N LEU A 400 -55.41 4.12 -16.15
CA LEU A 400 -55.48 4.69 -17.51
C LEU A 400 -56.03 6.13 -17.60
N GLN A 401 -56.48 6.70 -16.49
CA GLN A 401 -56.90 8.09 -16.48
C GLN A 401 -55.81 8.97 -17.18
N ARG A 402 -56.17 9.62 -18.30
CA ARG A 402 -55.22 10.35 -19.17
C ARG A 402 -54.36 11.43 -18.49
N ASP A 403 -54.95 12.14 -17.53
CA ASP A 403 -54.27 13.23 -16.85
C ASP A 403 -53.37 12.62 -15.80
N VAL A 404 -52.08 12.93 -15.90
CA VAL A 404 -51.09 12.36 -14.98
C VAL A 404 -51.43 12.65 -13.50
N ASN A 405 -51.97 13.83 -13.20
CA ASN A 405 -52.29 14.14 -11.81
C ASN A 405 -53.64 13.57 -11.26
N ARG A 406 -54.39 12.84 -12.10
CA ARG A 406 -55.56 12.10 -11.61
C ARG A 406 -55.38 10.58 -11.85
N ARG A 407 -54.13 10.12 -11.82
CA ARG A 407 -53.79 8.72 -12.18
C ARG A 407 -53.10 7.99 -11.04
N LEU A 408 -53.39 6.69 -10.96
CA LEU A 408 -53.04 5.86 -9.79
C LEU A 408 -51.55 5.49 -9.79
N GLY A 409 -50.87 5.79 -8.68
CA GLY A 409 -49.41 5.64 -8.55
C GLY A 409 -48.73 7.00 -8.53
N CYS A 410 -49.04 7.77 -9.57
CA CYS A 410 -48.55 9.12 -9.73
C CYS A 410 -49.39 10.18 -8.97
N LEU A 411 -49.88 9.84 -7.78
CA LEU A 411 -50.43 10.83 -6.83
C LEU A 411 -49.53 10.92 -5.57
N GLY A 412 -48.21 10.71 -5.75
CA GLY A 412 -47.23 10.99 -4.71
C GLY A 412 -46.91 9.92 -3.68
N ARG A 413 -47.52 8.73 -3.78
CA ARG A 413 -47.14 7.56 -2.93
C ARG A 413 -46.73 6.28 -3.72
N GLY A 414 -46.78 6.37 -5.05
CA GLY A 414 -46.33 5.33 -5.96
C GLY A 414 -47.07 4.02 -5.88
N ALA A 415 -46.31 2.93 -5.96
CA ALA A 415 -46.87 1.61 -6.02
C ALA A 415 -47.90 1.39 -4.91
N GLN A 416 -47.65 2.03 -3.76
CA GLN A 416 -48.55 1.96 -2.61
C GLN A 416 -50.02 2.23 -2.95
N GLU A 417 -50.25 3.27 -3.75
CA GLU A 417 -51.58 3.62 -4.19
C GLU A 417 -52.20 2.44 -4.92
N VAL A 418 -51.45 1.84 -5.83
CA VAL A 418 -51.96 0.71 -6.62
C VAL A 418 -52.23 -0.52 -5.72
N LYS A 419 -51.41 -0.74 -4.69
CA LYS A 419 -51.59 -1.90 -3.80
C LYS A 419 -52.88 -1.80 -2.98
N GLU A 420 -53.31 -0.55 -2.78
CA GLU A 420 -54.52 -0.20 -2.02
C GLU A 420 -55.82 -0.32 -2.82
N SER A 421 -55.76 -0.47 -4.14
CA SER A 421 -56.98 -0.71 -4.91
C SER A 421 -57.80 -1.88 -4.36
N PRO A 422 -59.13 -1.77 -4.47
CA PRO A 422 -60.05 -2.86 -4.13
C PRO A 422 -59.75 -4.17 -4.87
N PHE A 423 -59.16 -4.06 -6.06
CA PHE A 423 -58.83 -5.21 -6.86
C PHE A 423 -57.92 -6.16 -6.11
N PHE A 424 -57.07 -5.60 -5.26
CA PHE A 424 -56.08 -6.32 -4.47
C PHE A 424 -56.43 -6.30 -3.00
N ARG A 425 -57.71 -6.29 -2.71
CA ARG A 425 -58.14 -6.27 -1.33
C ARG A 425 -57.86 -7.62 -0.73
N SER A 426 -57.93 -8.68 -1.53
CA SER A 426 -57.77 -10.02 -0.98
C SER A 426 -56.32 -10.41 -0.72
N LEU A 427 -55.38 -9.67 -1.32
CA LEU A 427 -53.95 -9.98 -1.22
C LEU A 427 -53.27 -9.42 0.01
N ASP A 428 -52.46 -10.28 0.62
CA ASP A 428 -51.41 -9.91 1.58
C ASP A 428 -50.08 -9.61 0.85
N TRP A 429 -49.59 -8.38 0.89
CA TRP A 429 -48.46 -8.06 0.01
C TRP A 429 -47.13 -8.63 0.43
N GLN A 430 -46.97 -9.12 1.66
CA GLN A 430 -45.71 -9.81 2.01
C GLN A 430 -45.67 -11.20 1.45
N MET A 431 -46.84 -11.84 1.34
CA MET A 431 -46.94 -13.16 0.73
C MET A 431 -46.75 -13.07 -0.78
N VAL A 432 -46.97 -11.91 -1.39
CA VAL A 432 -46.73 -11.76 -2.82
C VAL A 432 -45.23 -11.69 -2.97
N PHE A 433 -44.62 -10.83 -2.18
CA PHE A 433 -43.17 -10.66 -2.19
C PHE A 433 -42.40 -11.94 -1.98
N LEU A 434 -42.91 -12.75 -1.04
CA LEU A 434 -42.35 -14.04 -0.72
C LEU A 434 -42.71 -15.11 -1.74
N GLN A 435 -43.37 -14.72 -2.83
CA GLN A 435 -43.76 -15.69 -3.87
C GLN A 435 -44.55 -16.86 -3.32
N LYS A 436 -45.43 -16.64 -2.37
CA LYS A 436 -46.21 -17.73 -1.83
C LYS A 436 -47.55 -18.03 -2.56
N TYR A 437 -47.95 -17.20 -3.54
CA TYR A 437 -49.20 -17.42 -4.33
C TYR A 437 -49.03 -18.33 -5.53
N PRO A 438 -50.04 -19.16 -5.83
CA PRO A 438 -49.96 -20.14 -6.88
C PRO A 438 -50.16 -19.50 -8.23
N PRO A 439 -49.18 -19.69 -9.14
CA PRO A 439 -49.27 -19.04 -10.44
C PRO A 439 -50.21 -19.78 -11.33
N PRO A 440 -50.92 -19.06 -12.18
CA PRO A 440 -51.87 -19.69 -13.09
C PRO A 440 -51.21 -20.75 -13.92
N LEU A 441 -50.12 -20.36 -14.57
CA LEU A 441 -49.55 -21.11 -15.67
C LEU A 441 -48.20 -21.60 -15.24
N ILE A 442 -48.00 -22.91 -15.34
CA ILE A 442 -46.72 -23.57 -15.14
C ILE A 442 -46.07 -23.95 -16.48
N PRO A 443 -44.99 -23.24 -16.91
CA PRO A 443 -44.55 -23.54 -18.27
C PRO A 443 -44.21 -25.02 -18.41
N PRO A 444 -44.60 -25.67 -19.51
CA PRO A 444 -44.33 -27.09 -19.65
C PRO A 444 -42.93 -27.31 -20.21
N ARG A 445 -42.34 -28.46 -19.93
CA ARG A 445 -40.92 -28.70 -20.25
C ARG A 445 -40.58 -28.86 -21.76
N GLY A 446 -39.39 -28.40 -22.14
CA GLY A 446 -38.90 -28.37 -23.54
C GLY A 446 -39.71 -29.13 -24.58
N SER A 458 -34.37 -22.55 -36.26
CA SER A 458 -34.68 -21.91 -37.53
C SER A 458 -35.20 -20.48 -37.35
N PHE A 459 -34.86 -19.88 -36.21
CA PHE A 459 -35.12 -18.47 -35.96
C PHE A 459 -33.84 -17.68 -36.35
N ASP A 460 -32.79 -18.43 -36.73
CA ASP A 460 -31.39 -17.93 -36.72
C ASP A 460 -31.05 -16.81 -37.74
N GLU A 461 -29.80 -16.34 -37.66
CA GLU A 461 -29.37 -15.12 -38.35
C GLU A 461 -28.47 -15.41 -39.55
N GLU A 462 -28.93 -15.02 -40.74
CA GLU A 462 -28.12 -15.09 -41.97
C GLU A 462 -27.05 -14.00 -41.88
N ASP A 463 -25.84 -14.31 -42.33
CA ASP A 463 -24.69 -13.36 -42.29
C ASP A 463 -24.91 -12.15 -43.20
N THR A 464 -25.49 -11.09 -42.65
CA THR A 464 -25.97 -9.98 -43.48
C THR A 464 -24.82 -9.08 -43.98
N LYS A 465 -24.00 -8.52 -43.10
CA LYS A 465 -23.13 -7.40 -43.52
C LYS A 465 -21.62 -7.53 -43.32
N GLY A 466 -20.85 -7.19 -44.38
CA GLY A 466 -19.38 -7.06 -44.33
C GLY A 466 -18.85 -5.72 -43.79
N ILE A 467 -19.03 -5.51 -42.48
CA ILE A 467 -18.79 -4.22 -41.80
C ILE A 467 -17.53 -4.27 -40.97
N LYS A 468 -16.88 -3.12 -40.73
CA LYS A 468 -15.59 -3.06 -40.01
C LYS A 468 -15.77 -2.67 -38.54
N LEU A 469 -14.91 -3.21 -37.66
CA LEU A 469 -14.90 -2.87 -36.22
C LEU A 469 -13.60 -2.18 -35.80
N LEU A 470 -13.65 -0.85 -35.77
CA LEU A 470 -12.45 -0.01 -35.61
C LEU A 470 -12.04 0.21 -34.16
N ASP A 471 -10.94 0.90 -33.94
CA ASP A 471 -10.51 1.27 -32.59
C ASP A 471 -11.45 2.34 -32.00
N SER A 472 -12.06 3.13 -32.88
CA SER A 472 -13.09 4.09 -32.46
C SER A 472 -14.44 3.44 -32.10
N ASP A 473 -14.67 2.20 -32.51
CA ASP A 473 -15.88 1.46 -32.09
C ASP A 473 -15.70 0.91 -30.68
N GLN A 474 -14.63 0.15 -30.51
CA GLN A 474 -14.33 -0.54 -29.27
C GLN A 474 -14.01 0.41 -28.12
N GLU A 475 -14.04 1.70 -28.37
CA GLU A 475 -13.78 2.69 -27.33
C GLU A 475 -15.08 3.08 -26.61
N LEU A 476 -16.21 2.87 -27.27
CA LEU A 476 -17.52 3.19 -26.69
C LEU A 476 -17.91 2.16 -25.62
N TYR A 477 -17.47 0.93 -25.85
CA TYR A 477 -17.58 -0.13 -24.90
C TYR A 477 -16.38 -0.18 -23.98
N ARG A 478 -15.74 0.95 -23.72
CA ARG A 478 -14.56 0.94 -22.86
C ARG A 478 -15.01 0.61 -21.43
N ASN A 479 -16.19 1.09 -21.06
CA ASN A 479 -16.70 0.96 -19.70
C ASN A 479 -17.85 -0.02 -19.50
N PHE A 480 -18.07 -0.93 -20.44
CA PHE A 480 -19.07 -1.98 -20.33
C PHE A 480 -18.70 -3.03 -19.29
N PRO A 481 -17.44 -3.51 -19.29
CA PRO A 481 -17.16 -4.61 -18.37
C PRO A 481 -17.26 -4.20 -16.92
N LEU A 482 -17.76 -5.10 -16.09
CA LEU A 482 -18.14 -4.78 -14.71
C LEU A 482 -18.53 -6.03 -13.96
N THR A 483 -18.47 -5.97 -12.65
CA THR A 483 -19.00 -7.04 -11.82
C THR A 483 -19.80 -6.40 -10.73
N ILE A 484 -20.94 -7.00 -10.39
CA ILE A 484 -21.78 -6.51 -9.29
C ILE A 484 -21.41 -7.31 -8.05
N SER A 485 -20.72 -6.64 -7.13
CA SER A 485 -20.09 -7.31 -6.01
C SER A 485 -21.02 -8.12 -5.14
N GLU A 486 -22.11 -7.50 -4.75
CA GLU A 486 -23.12 -8.18 -3.97
C GLU A 486 -23.61 -9.51 -4.62
N ARG A 487 -23.77 -9.49 -5.95
CA ARG A 487 -24.13 -10.70 -6.72
C ARG A 487 -23.12 -11.83 -6.58
N TRP A 488 -21.87 -11.51 -6.88
CA TRP A 488 -20.75 -12.44 -6.77
C TRP A 488 -20.55 -12.99 -5.37
N GLN A 489 -20.56 -12.11 -4.40
CA GLN A 489 -20.45 -12.58 -3.03
C GLN A 489 -21.61 -13.51 -2.72
N GLN A 490 -22.82 -13.09 -3.02
CA GLN A 490 -23.99 -13.97 -2.80
C GLN A 490 -23.82 -15.31 -3.55
N GLU A 491 -23.49 -15.24 -4.82
CA GLU A 491 -23.21 -16.44 -5.59
C GLU A 491 -22.27 -17.35 -4.85
N VAL A 492 -21.19 -16.78 -4.34
CA VAL A 492 -20.12 -17.56 -3.72
C VAL A 492 -20.55 -18.09 -2.36
N ALA A 493 -21.10 -17.21 -1.53
CA ALA A 493 -21.66 -17.58 -0.23
C ALA A 493 -22.39 -18.91 -0.23
N GLU A 494 -23.25 -19.09 -1.22
CA GLU A 494 -24.17 -20.22 -1.26
C GLU A 494 -23.67 -21.37 -2.11
N THR A 495 -22.47 -21.31 -2.66
CA THR A 495 -21.96 -22.44 -3.47
C THR A 495 -20.68 -23.00 -2.90
N VAL A 496 -19.56 -22.33 -3.11
CA VAL A 496 -18.27 -22.91 -2.80
C VAL A 496 -17.60 -22.28 -1.56
N PHE A 497 -18.24 -21.29 -0.96
CA PHE A 497 -17.55 -20.54 0.08
C PHE A 497 -17.03 -21.41 1.23
N ASP A 498 -17.84 -22.33 1.73
CA ASP A 498 -17.45 -23.13 2.88
C ASP A 498 -16.39 -24.16 2.51
N THR A 499 -16.64 -24.92 1.44
CA THR A 499 -15.67 -25.94 1.03
C THR A 499 -14.35 -25.34 0.57
N ILE A 500 -14.36 -24.21 -0.15
CA ILE A 500 -13.10 -23.54 -0.51
C ILE A 500 -12.39 -23.04 0.77
N ASN A 501 -13.16 -22.50 1.72
CA ASN A 501 -12.59 -22.03 3.00
C ASN A 501 -11.88 -23.10 3.83
N ALA A 502 -12.50 -24.27 4.00
CA ALA A 502 -11.88 -25.39 4.73
C ALA A 502 -10.73 -26.06 3.96
N GLU A 503 -10.89 -26.29 2.66
CA GLU A 503 -9.77 -26.75 1.80
C GLU A 503 -8.56 -25.83 1.96
N THR A 504 -8.81 -24.52 1.92
CA THR A 504 -7.73 -23.56 1.99
C THR A 504 -7.15 -23.55 3.43
N ASP A 505 -7.99 -23.82 4.43
CA ASP A 505 -7.53 -23.95 5.82
C ASP A 505 -6.54 -25.12 6.00
N ARG A 506 -6.84 -26.23 5.33
CA ARG A 506 -6.00 -27.40 5.38
C ARG A 506 -4.72 -27.12 4.66
N LEU A 507 -4.82 -26.64 3.41
CA LEU A 507 -3.66 -26.27 2.61
C LEU A 507 -2.66 -25.43 3.43
N GLU A 508 -3.19 -24.48 4.21
CA GLU A 508 -2.34 -23.62 5.01
C GLU A 508 -1.79 -24.33 6.26
N ALA A 509 -2.67 -24.83 7.12
CA ALA A 509 -2.25 -25.55 8.35
C ALA A 509 -1.17 -26.64 8.13
N ARG A 510 -1.18 -27.26 6.94
CA ARG A 510 -0.16 -28.23 6.53
C ARG A 510 1.16 -27.58 6.19
N LYS A 511 1.13 -26.44 5.52
CA LYS A 511 2.37 -25.74 5.16
C LYS A 511 3.06 -25.12 6.39
N LYS A 512 2.30 -24.77 7.44
CA LYS A 512 2.93 -24.30 8.69
C LYS A 512 3.67 -25.44 9.40
N THR A 513 3.10 -26.66 9.31
CA THR A 513 3.69 -27.88 9.86
C THR A 513 5.00 -28.24 9.12
N LYS A 514 4.98 -28.07 7.80
CA LYS A 514 6.15 -28.35 6.97
C LYS A 514 7.29 -27.31 7.14
N ASN A 515 7.02 -26.17 7.78
CA ASN A 515 8.05 -25.14 8.02
C ASN A 515 8.70 -25.15 9.41
N LYS A 516 8.01 -25.75 10.38
CA LYS A 516 8.61 -26.11 11.67
C LYS A 516 9.44 -27.40 11.56
N GLN A 517 9.48 -27.94 10.33
CA GLN A 517 10.46 -28.97 9.95
C GLN A 517 11.57 -28.37 9.08
N LEU A 518 11.25 -27.94 7.85
CA LEU A 518 12.28 -27.51 6.86
C LEU A 518 13.18 -26.29 7.22
N GLY A 519 13.05 -25.78 8.46
CA GLY A 519 13.99 -24.79 9.01
C GLY A 519 13.47 -23.36 8.99
N HIS A 520 13.15 -22.89 7.79
CA HIS A 520 12.87 -21.47 7.53
C HIS A 520 11.56 -21.04 8.20
N GLU A 521 11.69 -20.24 9.27
CA GLU A 521 10.53 -19.68 9.98
C GLU A 521 10.70 -18.17 10.21
N GLU A 522 11.46 -17.80 11.25
CA GLU A 522 11.56 -16.42 11.73
C GLU A 522 11.39 -15.42 10.57
N ASP A 523 10.31 -14.65 10.61
CA ASP A 523 9.77 -14.00 9.40
C ASP A 523 10.59 -12.80 8.94
N TYR A 524 11.04 -12.81 7.69
CA TYR A 524 11.94 -11.77 7.17
C TYR A 524 11.43 -10.32 7.26
N ALA A 525 10.14 -10.08 7.01
CA ALA A 525 9.59 -8.69 6.98
C ALA A 525 9.57 -8.03 8.34
N LEU A 526 9.45 -8.85 9.37
CA LEU A 526 9.13 -8.37 10.71
C LEU A 526 10.33 -7.69 11.32
N GLY A 527 10.08 -6.70 12.18
CA GLY A 527 11.11 -6.10 13.05
C GLY A 527 11.88 -4.92 12.47
N LYS A 528 11.72 -4.68 11.19
CA LYS A 528 12.51 -3.69 10.53
C LYS A 528 11.59 -2.55 10.14
N ASP A 529 11.76 -2.02 8.93
CA ASP A 529 10.93 -0.93 8.43
C ASP A 529 10.37 -1.33 7.07
N CYS A 530 10.18 -2.63 6.89
CA CYS A 530 9.58 -3.15 5.68
C CYS A 530 8.25 -2.47 5.39
N ILE A 531 8.04 -2.02 4.15
CA ILE A 531 6.85 -1.28 3.79
C ILE A 531 5.78 -2.20 3.28
N MET A 532 6.15 -3.24 2.52
CA MET A 532 5.17 -4.08 1.80
C MET A 532 5.88 -5.26 1.15
N HIS A 533 5.34 -6.47 1.28
CA HIS A 533 5.91 -7.66 0.62
C HIS A 533 4.88 -8.50 -0.19
N GLY A 534 5.38 -9.47 -0.95
CA GLY A 534 4.56 -10.24 -1.85
C GLY A 534 5.27 -10.77 -3.09
N TYR A 535 4.57 -11.68 -3.77
CA TYR A 535 5.11 -12.33 -4.97
C TYR A 535 4.98 -11.42 -6.16
N MET A 536 6.01 -11.34 -6.97
CA MET A 536 5.91 -10.87 -8.35
C MET A 536 6.85 -11.72 -9.18
N SER A 537 6.83 -11.54 -10.49
CA SER A 537 7.80 -12.23 -11.33
C SER A 537 8.65 -11.18 -12.09
N LYS A 538 9.93 -11.50 -12.37
CA LYS A 538 10.76 -10.66 -13.24
C LYS A 538 11.32 -11.49 -14.39
N MET A 539 11.90 -10.87 -15.43
CA MET A 539 12.71 -11.65 -16.40
C MET A 539 14.01 -11.86 -15.70
N GLY A 540 14.71 -12.94 -16.00
CA GLY A 540 16.05 -13.18 -15.42
C GLY A 540 17.13 -13.23 -16.47
N ASN A 541 17.32 -14.44 -17.00
CA ASN A 541 17.95 -14.66 -18.31
C ASN A 541 17.61 -13.46 -19.25
N PRO A 542 18.61 -12.57 -19.51
CA PRO A 542 18.35 -11.43 -20.40
C PRO A 542 18.09 -11.85 -21.85
N PHE A 543 18.94 -12.76 -22.33
CA PHE A 543 18.89 -13.30 -23.70
C PHE A 543 17.68 -14.21 -23.92
N LEU A 544 16.97 -14.60 -22.86
CA LEU A 544 15.87 -15.54 -22.98
C LEU A 544 14.53 -14.91 -22.73
N THR A 545 14.43 -14.18 -21.63
CA THR A 545 13.18 -13.56 -21.28
C THR A 545 12.06 -14.61 -21.08
N GLN A 546 12.17 -15.45 -20.04
CA GLN A 546 10.99 -16.06 -19.37
C GLN A 546 10.87 -15.47 -17.95
N TRP A 547 9.68 -15.59 -17.35
CA TRP A 547 9.39 -14.95 -16.08
C TRP A 547 9.74 -15.87 -14.94
N GLN A 548 10.34 -15.33 -13.88
CA GLN A 548 10.65 -16.12 -12.69
C GLN A 548 9.90 -15.50 -11.56
N ARG A 549 9.20 -16.32 -10.80
CA ARG A 549 8.41 -15.85 -9.67
C ARG A 549 9.33 -15.80 -8.46
N ARG A 550 9.29 -14.69 -7.72
CA ARG A 550 10.06 -14.51 -6.48
C ARG A 550 9.23 -13.79 -5.42
N TYR A 551 9.62 -13.92 -4.15
CA TYR A 551 8.99 -13.12 -3.10
C TYR A 551 9.74 -11.79 -2.89
N PHE A 552 9.08 -10.65 -3.12
CA PHE A 552 9.71 -9.33 -2.97
C PHE A 552 9.43 -8.66 -1.64
N TYR A 553 10.33 -7.75 -1.27
CA TYR A 553 10.26 -6.95 -0.04
C TYR A 553 10.64 -5.49 -0.32
N LEU A 554 9.72 -4.58 -0.05
CA LEU A 554 9.95 -3.22 -0.34
C LEU A 554 10.38 -2.58 0.94
N PHE A 555 11.61 -2.07 0.99
CA PHE A 555 12.07 -1.22 2.10
C PHE A 555 12.11 0.22 1.65
N PRO A 556 12.30 1.17 2.59
CA PRO A 556 12.23 2.56 2.13
C PRO A 556 13.30 2.97 1.14
N ASN A 557 14.46 2.28 1.13
CA ASN A 557 15.62 2.64 0.23
C ASN A 557 16.06 1.54 -0.71
N ARG A 558 15.34 0.42 -0.72
CA ARG A 558 15.62 -0.66 -1.63
C ARG A 558 14.45 -1.65 -1.86
N LEU A 559 14.56 -2.42 -2.93
CA LEU A 559 13.63 -3.50 -3.21
C LEU A 559 14.39 -4.83 -3.32
N GLU A 560 14.14 -5.71 -2.37
CA GLU A 560 14.84 -6.96 -2.26
C GLU A 560 13.96 -8.09 -2.77
N TRP A 561 14.53 -9.10 -3.41
CA TRP A 561 13.79 -10.34 -3.62
C TRP A 561 14.56 -11.64 -3.29
N ARG A 562 13.84 -12.74 -3.14
CA ARG A 562 14.42 -14.06 -2.90
C ARG A 562 13.58 -15.21 -3.50
N GLY A 563 14.27 -16.26 -3.97
CA GLY A 563 13.63 -17.52 -4.35
C GLY A 563 13.31 -18.37 -3.12
N GLU A 564 12.65 -19.51 -3.30
CA GLU A 564 12.28 -20.33 -2.15
C GLU A 564 13.57 -20.79 -1.47
N GLY A 565 13.52 -20.99 -0.16
CA GLY A 565 14.70 -21.47 0.58
C GLY A 565 15.61 -20.37 1.11
N GLU A 566 16.54 -19.88 0.28
CA GLU A 566 17.52 -18.90 0.76
C GLU A 566 16.99 -17.45 0.83
N ALA A 567 17.41 -16.73 1.86
CA ALA A 567 17.15 -15.31 2.02
C ALA A 567 17.69 -14.48 0.84
N PRO A 568 17.28 -13.20 0.74
CA PRO A 568 17.56 -12.43 -0.48
C PRO A 568 19.04 -12.24 -0.82
N GLN A 569 19.39 -12.42 -2.09
CA GLN A 569 20.76 -12.20 -2.57
C GLN A 569 20.83 -11.16 -3.69
N SER A 570 19.72 -10.47 -3.97
CA SER A 570 19.68 -9.41 -5.01
C SER A 570 18.80 -8.24 -4.59
N LEU A 571 18.96 -7.08 -5.24
CA LEU A 571 18.06 -5.95 -5.03
C LEU A 571 18.15 -4.76 -6.01
N LEU A 572 17.20 -3.84 -5.90
CA LEU A 572 17.32 -2.52 -6.48
C LEU A 572 17.28 -1.52 -5.39
N THR A 573 17.91 -0.39 -5.57
CA THR A 573 17.78 0.69 -4.64
C THR A 573 16.80 1.69 -5.20
N MET A 574 16.10 2.38 -4.30
CA MET A 574 15.15 3.39 -4.70
C MET A 574 15.90 4.47 -5.45
N GLU A 575 17.13 4.77 -5.00
CA GLU A 575 18.10 5.64 -5.70
C GLU A 575 18.29 5.38 -7.20
N GLU A 576 18.48 4.12 -7.57
CA GLU A 576 18.63 3.69 -8.97
C GLU A 576 17.42 3.98 -9.84
N ILE A 577 16.22 3.79 -9.27
CA ILE A 577 14.99 3.85 -10.03
C ILE A 577 14.71 5.30 -10.42
N GLN A 578 14.45 5.54 -11.72
CA GLN A 578 14.17 6.90 -12.27
C GLN A 578 12.69 7.13 -12.59
N SER A 579 11.99 6.07 -12.99
CA SER A 579 10.57 6.16 -13.39
C SER A 579 9.93 4.78 -13.23
N VAL A 580 8.60 4.79 -13.06
CA VAL A 580 7.78 3.57 -12.92
C VAL A 580 6.48 3.74 -13.71
N GLU A 581 6.28 2.92 -14.75
CA GLU A 581 5.17 3.09 -15.69
C GLU A 581 4.58 1.74 -16.09
N GLU A 582 3.37 1.78 -16.68
CA GLU A 582 2.74 0.53 -17.14
C GLU A 582 3.26 0.19 -18.51
N THR A 583 3.26 -1.10 -18.83
CA THR A 583 3.69 -1.57 -20.14
C THR A 583 3.01 -2.89 -20.46
N GLN A 584 2.91 -3.20 -21.74
CA GLN A 584 2.29 -4.46 -22.18
C GLN A 584 3.31 -5.48 -22.66
N ILE A 585 3.25 -6.69 -22.12
CA ILE A 585 4.07 -7.79 -22.57
C ILE A 585 3.26 -9.08 -22.62
N LYS A 586 2.99 -9.53 -23.86
CA LYS A 586 2.19 -10.72 -24.13
C LYS A 586 0.77 -10.42 -23.71
N GLU A 587 0.26 -9.28 -24.19
CA GLU A 587 -1.00 -8.72 -23.71
C GLU A 587 -1.13 -8.99 -22.22
N ARG A 588 -0.12 -8.59 -21.48
CA ARG A 588 -0.12 -8.75 -20.05
C ARG A 588 0.49 -7.45 -19.50
N LYS A 589 -0.33 -6.71 -18.75
CA LYS A 589 0.06 -5.47 -18.07
C LYS A 589 1.15 -5.69 -17.02
N CYS A 590 2.26 -5.00 -17.21
CA CYS A 590 3.40 -5.13 -16.33
C CYS A 590 3.87 -3.75 -15.92
N LEU A 591 4.79 -3.72 -14.96
CA LEU A 591 5.45 -2.49 -14.56
C LEU A 591 6.81 -2.39 -15.21
N LEU A 592 7.10 -1.20 -15.71
CA LEU A 592 8.40 -0.93 -16.31
C LEU A 592 9.24 0.06 -15.48
N LEU A 593 10.21 -0.49 -14.78
CA LEU A 593 11.19 0.32 -14.04
C LEU A 593 12.39 0.71 -14.92
N LYS A 594 12.59 2.00 -15.16
CA LYS A 594 13.83 2.47 -15.77
C LYS A 594 14.91 2.79 -14.71
N ILE A 595 16.12 2.29 -14.93
CA ILE A 595 17.24 2.40 -13.99
C ILE A 595 18.39 3.25 -14.54
N ARG A 596 19.11 3.93 -13.63
CA ARG A 596 20.19 4.86 -13.99
C ARG A 596 21.15 4.45 -15.10
N GLY A 597 21.67 3.24 -15.08
CA GLY A 597 22.57 2.84 -16.16
C GLY A 597 22.04 2.92 -17.61
N GLY A 598 20.75 3.25 -17.78
CA GLY A 598 20.03 3.06 -19.04
C GLY A 598 19.34 1.70 -19.08
N LYS A 599 19.41 0.98 -17.95
CA LYS A 599 18.91 -0.38 -17.88
C LYS A 599 17.40 -0.33 -17.67
N GLN A 600 16.77 -1.52 -17.69
CA GLN A 600 15.33 -1.67 -17.50
C GLN A 600 15.00 -2.91 -16.72
N PHE A 601 13.92 -2.82 -15.96
CA PHE A 601 13.54 -3.90 -15.07
C PHE A 601 12.02 -4.08 -15.18
N VAL A 602 11.58 -5.31 -15.37
CA VAL A 602 10.20 -5.56 -15.69
C VAL A 602 9.58 -6.43 -14.64
N LEU A 603 8.39 -6.05 -14.23
CA LEU A 603 7.68 -6.74 -13.19
C LEU A 603 6.26 -7.06 -13.64
N GLN A 604 5.87 -8.32 -13.47
CA GLN A 604 4.49 -8.74 -13.70
C GLN A 604 3.90 -9.21 -12.38
N CYS A 605 2.74 -8.64 -12.00
CA CYS A 605 2.06 -8.99 -10.75
C CYS A 605 0.90 -9.93 -11.01
N ASP A 606 0.42 -10.62 -9.98
CA ASP A 606 -0.59 -11.67 -10.16
C ASP A 606 -2.05 -11.21 -10.11
N SER A 607 -2.33 -9.98 -9.76
CA SER A 607 -3.70 -9.52 -9.78
C SER A 607 -3.75 -8.01 -9.88
N ASP A 608 -4.76 -7.46 -10.53
CA ASP A 608 -4.88 -6.01 -10.66
C ASP A 608 -4.66 -5.23 -9.36
N PRO A 609 -5.23 -5.69 -8.21
CA PRO A 609 -4.92 -4.88 -7.02
C PRO A 609 -3.41 -4.80 -6.78
N GLU A 610 -2.72 -5.94 -6.87
CA GLU A 610 -1.27 -5.94 -6.71
C GLU A 610 -0.60 -4.99 -7.76
N LEU A 611 -0.95 -5.03 -9.01
CA LEU A 611 -0.38 -4.07 -9.96
C LEU A 611 -0.62 -2.62 -9.48
N VAL A 612 -1.83 -2.35 -9.00
CA VAL A 612 -2.15 -1.00 -8.61
C VAL A 612 -1.34 -0.51 -7.41
N GLN A 613 -1.06 -1.42 -6.49
CA GLN A 613 -0.50 -1.05 -5.21
C GLN A 613 1.03 -1.01 -5.37
N TRP A 614 1.58 -2.00 -6.06
CA TRP A 614 3.01 -1.99 -6.29
C TRP A 614 3.42 -0.77 -7.07
N LYS A 615 2.64 -0.39 -8.06
CA LYS A 615 2.93 0.83 -8.79
C LYS A 615 2.87 2.02 -7.85
N LYS A 616 1.87 2.05 -6.99
CA LYS A 616 1.70 3.19 -6.13
C LYS A 616 2.84 3.27 -5.13
N GLU A 617 3.17 2.17 -4.45
CA GLU A 617 4.06 2.28 -3.30
C GLU A 617 5.51 2.43 -3.80
N LEU A 618 5.82 1.84 -4.95
CA LEU A 618 7.13 2.01 -5.61
C LEU A 618 7.33 3.48 -5.94
N ARG A 619 6.39 4.09 -6.64
CA ARG A 619 6.47 5.51 -6.94
C ARG A 619 6.69 6.31 -5.67
N ASP A 620 5.86 6.07 -4.65
CA ASP A 620 5.96 6.78 -3.38
C ASP A 620 7.37 6.60 -2.78
N ALA A 621 7.90 5.38 -2.80
CA ALA A 621 9.11 5.05 -2.06
C ALA A 621 10.35 5.74 -2.61
N TYR A 622 10.47 5.71 -3.94
CA TYR A 622 11.61 6.23 -4.64
C TYR A 622 11.61 7.75 -4.65
N ARG A 623 10.46 8.38 -4.80
CA ARG A 623 10.42 9.86 -4.68
C ARG A 623 10.87 10.33 -3.29
N GLU A 624 10.43 9.64 -2.25
CA GLU A 624 10.82 10.00 -0.88
C GLU A 624 12.28 9.69 -0.65
N ALA A 625 12.75 8.55 -1.14
CA ALA A 625 14.14 8.19 -0.97
C ALA A 625 15.07 9.22 -1.61
N GLN A 626 14.72 9.70 -2.79
CA GLN A 626 15.57 10.64 -3.52
C GLN A 626 15.56 12.05 -2.95
N GLN A 627 14.42 12.51 -2.47
CA GLN A 627 14.27 13.82 -1.83
C GLN A 627 14.99 13.81 -0.47
N LEU A 628 14.97 12.65 0.19
CA LEU A 628 15.67 12.44 1.46
C LEU A 628 17.19 12.39 1.33
N VAL A 629 17.69 11.57 0.41
CA VAL A 629 19.12 11.38 0.17
C VAL A 629 19.87 12.64 -0.29
N GLN A 630 19.17 13.58 -0.92
CA GLN A 630 19.83 14.77 -1.46
C GLN A 630 19.90 15.87 -0.42
N ARG A 631 19.70 15.51 0.84
CA ARG A 631 19.91 16.40 1.96
C ARG A 631 20.77 15.71 3.02
N VAL A 632 21.49 14.68 2.60
CA VAL A 632 22.38 13.91 3.45
C VAL A 632 23.71 13.89 2.70
N PRO A 633 24.62 14.80 3.06
CA PRO A 633 25.90 14.81 2.36
C PRO A 633 26.62 13.43 2.15
N LYS A 634 26.62 12.53 3.14
CA LYS A 634 27.34 11.24 2.97
C LYS A 634 26.59 10.29 2.02
N MET A 635 25.32 10.55 1.75
CA MET A 635 24.55 9.70 0.86
C MET A 635 24.43 10.22 -0.54
N LYS A 636 24.27 11.53 -0.74
CA LYS A 636 24.05 12.05 -2.10
C LYS A 636 25.18 11.76 -3.10
N ASN A 637 24.84 11.84 -4.37
CA ASN A 637 25.83 11.85 -5.46
C ASN A 637 26.55 13.16 -5.47
N LYS A 638 27.86 13.15 -5.71
CA LYS A 638 28.68 14.37 -5.73
C LYS A 638 29.23 14.59 -7.14
N PRO A 639 29.52 15.86 -7.51
CA PRO A 639 29.78 16.22 -8.92
C PRO A 639 31.24 16.07 -9.38
N SER B 1 24.95 50.11 20.25
CA SER B 1 24.09 48.93 20.60
C SER B 1 24.93 47.74 21.07
N GLU B 2 24.51 47.10 22.15
CA GLU B 2 25.30 46.04 22.80
C GLU B 2 25.44 44.80 21.92
N LEU B 3 24.45 44.56 21.07
CA LEU B 3 24.55 43.48 20.10
C LEU B 3 25.64 43.82 19.07
N ASP B 4 25.73 45.11 18.71
CA ASP B 4 26.76 45.55 17.77
C ASP B 4 28.13 45.45 18.41
N GLN B 5 28.26 45.89 19.66
CA GLN B 5 29.51 45.74 20.45
C GLN B 5 30.07 44.32 20.47
N LEU B 6 29.21 43.33 20.62
CA LEU B 6 29.65 41.92 20.69
C LEU B 6 30.06 41.34 19.33
N ARG B 7 29.50 41.88 18.27
CA ARG B 7 29.88 41.50 16.92
C ARG B 7 31.30 41.95 16.54
N GLN B 8 31.67 43.17 16.93
CA GLN B 8 33.04 43.66 16.73
C GLN B 8 34.00 42.91 17.62
N GLU B 9 33.63 42.77 18.89
CA GLU B 9 34.49 42.11 19.86
C GLU B 9 34.83 40.69 19.42
N ALA B 10 33.92 40.04 18.71
CA ALA B 10 34.21 38.71 18.19
C ALA B 10 35.06 38.81 16.94
N GLU B 11 34.84 39.85 16.15
CA GLU B 11 35.67 40.12 14.97
C GLU B 11 37.13 40.45 15.34
N GLN B 12 37.33 41.33 16.31
CA GLN B 12 38.67 41.62 16.79
C GLN B 12 39.30 40.44 17.49
N LEU B 13 38.50 39.57 18.11
CA LEU B 13 39.05 38.39 18.78
C LEU B 13 39.56 37.35 17.76
N LYS B 14 38.86 37.21 16.63
CA LYS B 14 39.36 36.36 15.55
C LYS B 14 40.69 36.88 15.00
N ASN B 15 40.81 38.19 14.85
CA ASN B 15 42.07 38.83 14.46
C ASN B 15 43.19 38.55 15.46
N GLN B 16 42.91 38.75 16.74
CA GLN B 16 43.83 38.40 17.83
C GLN B 16 44.31 36.94 17.69
N ILE B 17 43.40 36.04 17.36
CA ILE B 17 43.75 34.64 17.20
C ILE B 17 44.60 34.42 15.92
N ARG B 18 44.29 35.19 14.87
CA ARG B 18 44.98 35.07 13.57
C ARG B 18 46.45 35.46 13.72
N ASP B 19 46.66 36.56 14.42
CA ASP B 19 47.99 37.10 14.64
C ASP B 19 48.81 36.23 15.58
N ALA B 20 48.15 35.69 16.60
CA ALA B 20 48.81 34.82 17.58
C ALA B 20 49.34 33.57 16.91
N ARG B 21 48.68 33.16 15.84
CA ARG B 21 49.04 31.95 15.13
C ARG B 21 50.20 32.22 14.18
N LYS B 22 50.13 33.33 13.44
CA LYS B 22 51.20 33.72 12.51
C LYS B 22 52.51 33.89 13.27
N ALA B 23 52.40 34.41 14.48
CA ALA B 23 53.52 34.59 15.38
C ALA B 23 54.21 33.28 15.74
N CYS B 24 53.53 32.15 15.65
CA CYS B 24 54.19 30.87 15.85
C CYS B 24 54.76 30.27 14.58
N ALA B 25 54.36 30.80 13.42
CA ALA B 25 54.76 30.23 12.12
C ALA B 25 56.17 30.70 11.73
N ASP B 26 57.14 30.05 12.36
CA ASP B 26 58.54 30.40 12.23
C ASP B 26 59.22 29.51 11.21
N ALA B 27 58.48 28.53 10.70
CA ALA B 27 59.01 27.42 9.90
C ALA B 27 57.87 26.48 9.49
N THR B 28 58.08 25.67 8.45
CA THR B 28 57.05 24.75 8.02
C THR B 28 57.45 23.30 8.28
N LEU B 29 56.47 22.39 8.28
CA LEU B 29 56.70 20.97 8.51
C LEU B 29 57.56 20.44 7.37
N SER B 30 57.29 20.98 6.18
CA SER B 30 57.95 20.60 4.93
C SER B 30 59.43 21.01 4.87
N GLN B 31 59.75 22.15 5.49
CA GLN B 31 61.13 22.55 5.71
C GLN B 31 61.80 21.60 6.72
N ILE B 32 61.16 21.43 7.88
CA ILE B 32 61.71 20.64 9.00
C ILE B 32 61.94 19.18 8.63
N THR B 33 61.20 18.65 7.65
CA THR B 33 61.37 17.25 7.25
C THR B 33 62.07 17.10 5.92
N ASN B 34 62.75 18.14 5.48
CA ASN B 34 63.43 18.10 4.18
C ASN B 34 64.51 17.04 3.94
N ASN B 35 65.29 16.65 4.95
CA ASN B 35 66.41 15.70 4.68
C ASN B 35 66.18 14.25 5.10
N ILE B 36 65.01 13.93 5.70
CA ILE B 36 64.72 12.55 6.10
C ILE B 36 64.34 11.76 4.87
N ASP B 37 64.70 10.48 4.85
CA ASP B 37 64.55 9.68 3.64
C ASP B 37 63.08 9.44 3.27
N PRO B 38 62.77 9.45 1.95
CA PRO B 38 61.45 9.02 1.46
C PRO B 38 61.03 7.66 1.99
N VAL B 39 59.88 7.18 1.51
CA VAL B 39 59.28 5.96 2.01
C VAL B 39 59.44 4.83 0.98
N GLY B 40 59.84 5.22 -0.23
CA GLY B 40 59.89 4.30 -1.34
C GLY B 40 58.53 4.36 -1.96
N ARG B 41 58.11 3.23 -2.53
CA ARG B 41 56.72 3.04 -2.91
C ARG B 41 56.14 1.90 -2.08
N ILE B 42 54.85 2.02 -1.78
CA ILE B 42 54.14 1.09 -0.94
C ILE B 42 53.43 0.02 -1.80
N GLN B 43 54.09 -1.14 -1.95
CA GLN B 43 53.51 -2.31 -2.59
C GLN B 43 52.39 -2.79 -1.71
N MET B 44 51.17 -2.36 -2.00
CA MET B 44 50.03 -2.85 -1.24
C MET B 44 49.08 -3.53 -2.18
N ARG B 45 48.65 -4.72 -1.82
CA ARG B 45 47.87 -5.52 -2.73
C ARG B 45 46.74 -6.21 -2.01
N THR B 46 45.61 -6.36 -2.69
CA THR B 46 44.45 -6.98 -2.08
C THR B 46 44.86 -8.34 -1.52
N ARG B 47 44.55 -8.60 -0.24
CA ARG B 47 44.74 -9.93 0.32
C ARG B 47 43.36 -10.56 0.34
N ARG B 48 42.53 -10.19 1.32
CA ARG B 48 41.14 -10.68 1.43
C ARG B 48 40.12 -9.80 0.66
N THR B 49 38.96 -10.36 0.34
CA THR B 49 37.80 -9.60 -0.20
C THR B 49 36.52 -10.04 0.52
N LEU B 50 35.87 -9.12 1.23
CA LEU B 50 34.79 -9.49 2.08
C LEU B 50 33.48 -9.34 1.32
N ARG B 51 32.89 -10.48 0.96
CA ARG B 51 31.81 -10.57 0.01
C ARG B 51 30.49 -10.88 0.72
N GLY B 52 29.46 -10.05 0.53
CA GLY B 52 28.24 -10.22 1.32
C GLY B 52 27.20 -9.11 1.27
N HIS B 53 27.62 -7.88 1.48
CA HIS B 53 26.67 -6.78 1.48
C HIS B 53 25.97 -6.70 0.14
N LEU B 54 24.65 -6.53 0.15
CA LEU B 54 23.91 -6.51 -1.11
C LEU B 54 23.75 -5.10 -1.68
N ALA B 55 24.36 -4.10 -1.05
CA ALA B 55 24.39 -2.76 -1.64
C ALA B 55 25.54 -1.92 -1.08
N LYS B 56 25.50 -0.60 -1.33
CA LYS B 56 26.59 0.32 -1.05
C LYS B 56 27.01 0.16 0.37
N ILE B 57 28.32 0.29 0.60
CA ILE B 57 28.83 0.34 1.97
C ILE B 57 29.15 1.77 2.37
N TYR B 58 28.76 2.12 3.60
CA TYR B 58 28.89 3.46 4.15
C TYR B 58 29.99 3.61 5.22
N ALA B 59 30.29 2.55 5.98
CA ALA B 59 31.18 2.70 7.14
C ALA B 59 31.79 1.39 7.65
N MET B 60 32.97 1.47 8.28
CA MET B 60 33.51 0.27 8.94
C MET B 60 34.40 0.58 10.13
N HIS B 61 34.60 -0.40 11.00
CA HIS B 61 35.49 -0.20 12.16
C HIS B 61 36.21 -1.50 12.54
N TRP B 62 37.52 -1.41 12.72
CA TRP B 62 38.30 -2.53 13.25
C TRP B 62 38.10 -2.69 14.75
N GLY B 63 37.87 -3.92 15.19
CA GLY B 63 38.02 -4.29 16.59
C GLY B 63 39.48 -4.20 17.04
N THR B 64 39.66 -4.08 18.35
CA THR B 64 41.01 -3.87 18.91
C THR B 64 41.90 -5.11 18.78
N ASP B 65 41.33 -6.29 18.64
CA ASP B 65 42.10 -7.49 18.38
C ASP B 65 42.74 -7.49 16.97
N SER B 66 42.60 -6.40 16.20
CA SER B 66 43.18 -6.31 14.84
C SER B 66 42.73 -7.44 13.93
N ARG B 67 41.64 -8.11 14.29
CA ARG B 67 41.12 -9.28 13.55
C ARG B 67 39.67 -9.14 13.07
N LEU B 68 38.76 -8.74 13.95
CA LEU B 68 37.36 -8.52 13.56
C LEU B 68 37.09 -7.09 13.14
N LEU B 69 36.06 -6.91 12.31
CA LEU B 69 35.59 -5.59 11.97
C LEU B 69 34.10 -5.59 11.68
N VAL B 70 33.42 -4.52 12.12
CA VAL B 70 32.01 -4.33 11.78
C VAL B 70 31.94 -3.46 10.54
N SER B 71 30.95 -3.68 9.68
CA SER B 71 30.68 -2.82 8.51
C SER B 71 29.18 -2.54 8.32
N ALA B 72 28.85 -1.36 7.77
CA ALA B 72 27.46 -0.88 7.68
C ALA B 72 27.08 -0.54 6.24
N SER B 73 25.89 -0.99 5.82
CA SER B 73 25.46 -0.97 4.40
C SER B 73 24.06 -0.42 4.13
N GLN B 74 23.92 0.15 2.93
CA GLN B 74 22.60 0.41 2.35
C GLN B 74 21.63 -0.78 2.47
N ASP B 75 22.14 -2.01 2.41
CA ASP B 75 21.31 -3.21 2.54
C ASP B 75 20.64 -3.41 3.90
N GLY B 76 20.90 -2.51 4.84
CA GLY B 76 20.17 -2.51 6.10
C GLY B 76 20.78 -3.37 7.20
N LYS B 77 22.03 -3.78 7.05
CA LYS B 77 22.63 -4.66 8.06
C LYS B 77 24.01 -4.24 8.55
N LEU B 78 24.35 -4.65 9.75
CA LEU B 78 25.75 -4.69 10.14
C LEU B 78 26.24 -6.07 9.82
N ILE B 79 27.51 -6.19 9.42
CA ILE B 79 28.16 -7.49 9.31
C ILE B 79 29.46 -7.47 10.08
N ILE B 80 29.60 -8.41 11.00
CA ILE B 80 30.84 -8.55 11.73
C ILE B 80 31.68 -9.68 11.16
N TRP B 81 32.79 -9.31 10.50
CA TRP B 81 33.64 -10.28 9.79
C TRP B 81 34.86 -10.68 10.65
N ASP B 82 35.30 -11.92 10.47
CA ASP B 82 36.63 -12.35 10.88
C ASP B 82 37.47 -12.24 9.61
N SER B 83 38.40 -11.29 9.57
CA SER B 83 39.11 -10.92 8.32
C SER B 83 40.18 -11.94 7.90
N TYR B 84 40.69 -12.70 8.88
CA TYR B 84 41.63 -13.81 8.65
C TYR B 84 40.99 -14.84 7.70
N THR B 85 39.79 -15.30 8.07
CA THR B 85 39.03 -16.33 7.36
C THR B 85 38.01 -15.86 6.28
N THR B 86 37.65 -14.59 6.27
CA THR B 86 36.50 -14.07 5.49
C THR B 86 35.10 -14.61 5.94
N ASN B 87 35.07 -15.35 7.03
CA ASN B 87 33.83 -15.84 7.62
C ASN B 87 33.08 -14.75 8.34
N LYS B 88 31.79 -14.60 8.00
CA LYS B 88 30.87 -13.76 8.73
C LYS B 88 30.63 -14.34 10.10
N VAL B 89 30.82 -13.56 11.16
CA VAL B 89 30.64 -14.06 12.54
C VAL B 89 29.20 -13.82 12.99
N HIS B 90 28.63 -12.74 12.44
CA HIS B 90 27.31 -12.22 12.75
C HIS B 90 26.83 -11.36 11.58
N ALA B 91 25.54 -11.42 11.30
CA ALA B 91 24.90 -10.54 10.33
C ALA B 91 23.70 -9.97 11.09
N ILE B 92 23.47 -8.67 10.98
CA ILE B 92 22.55 -8.03 11.89
C ILE B 92 21.56 -7.22 11.14
N PRO B 93 20.31 -7.66 11.16
CA PRO B 93 19.33 -6.82 10.48
C PRO B 93 18.96 -5.66 11.37
N LEU B 94 19.19 -4.46 10.87
CA LEU B 94 18.84 -3.25 11.59
C LEU B 94 17.33 -2.97 11.51
N ARG B 95 16.86 -2.12 12.41
CA ARG B 95 15.43 -1.76 12.43
C ARG B 95 15.09 -0.60 11.50
N SER B 96 16.10 0.21 11.15
CA SER B 96 15.94 1.28 10.16
C SER B 96 16.91 0.89 9.08
N SER B 97 16.55 1.22 7.86
CA SER B 97 17.31 0.88 6.68
C SER B 97 18.37 1.95 6.45
N TRP B 98 18.17 3.13 7.04
CA TRP B 98 18.98 4.29 6.69
C TRP B 98 20.28 4.46 7.51
N VAL B 99 20.94 3.36 7.77
CA VAL B 99 22.18 3.33 8.54
C VAL B 99 23.31 4.00 7.73
N MET B 100 24.31 4.51 8.46
CA MET B 100 25.29 5.44 7.91
C MET B 100 26.64 5.38 8.64
N THR B 101 26.65 4.88 9.88
CA THR B 101 27.90 4.71 10.61
C THR B 101 27.88 3.48 11.50
N CYS B 102 29.07 3.05 11.94
CA CYS B 102 29.14 1.95 12.88
C CYS B 102 30.44 1.98 13.60
N ALA B 103 30.52 1.20 14.68
CA ALA B 103 31.68 1.24 15.56
C ALA B 103 31.75 -0.04 16.38
N TYR B 104 32.93 -0.65 16.40
CA TYR B 104 33.26 -1.78 17.28
C TYR B 104 33.78 -1.21 18.54
N ALA B 105 33.24 -1.63 19.69
CA ALA B 105 33.73 -1.16 21.00
C ALA B 105 35.07 -1.83 21.32
N PRO B 106 35.88 -1.20 22.19
CA PRO B 106 37.23 -1.74 22.43
C PRO B 106 37.25 -3.14 23.06
N SER B 107 36.33 -3.43 23.99
CA SER B 107 36.23 -4.78 24.55
C SER B 107 35.83 -5.87 23.55
N GLY B 108 35.28 -5.51 22.40
CA GLY B 108 34.77 -6.51 21.47
C GLY B 108 33.38 -7.04 21.83
N ASN B 109 32.77 -6.49 22.89
CA ASN B 109 31.46 -6.96 23.41
C ASN B 109 30.24 -6.31 22.77
N TYR B 110 30.44 -5.09 22.26
CA TYR B 110 29.35 -4.31 21.68
C TYR B 110 29.77 -3.68 20.36
N VAL B 111 28.81 -3.58 19.44
CA VAL B 111 28.88 -2.55 18.40
C VAL B 111 27.71 -1.56 18.49
N ALA B 112 27.95 -0.41 17.86
CA ALA B 112 26.93 0.62 17.70
C ALA B 112 26.81 0.98 16.22
N CYS B 113 25.66 1.56 15.85
CA CYS B 113 25.44 2.06 14.50
C CYS B 113 24.22 2.90 14.56
N GLY B 114 23.97 3.65 13.49
CA GLY B 114 22.83 4.54 13.42
C GLY B 114 22.79 5.30 12.11
N GLY B 115 21.85 6.24 12.01
CA GLY B 115 21.74 7.01 10.77
C GLY B 115 20.55 7.94 10.64
N LEU B 116 19.76 7.81 9.57
CA LEU B 116 18.62 8.71 9.42
C LEU B 116 17.56 8.55 10.53
N ASP B 117 17.57 7.45 11.28
CA ASP B 117 16.68 7.37 12.46
C ASP B 117 17.00 8.31 13.65
N ASN B 118 18.10 9.07 13.57
CA ASN B 118 18.48 10.00 14.64
C ASN B 118 18.73 9.33 15.98
N ILE B 119 19.19 8.10 15.92
CA ILE B 119 19.36 7.27 17.09
C ILE B 119 20.72 6.56 17.03
N CYS B 120 21.36 6.41 18.20
CA CYS B 120 22.53 5.53 18.29
C CYS B 120 22.08 4.27 18.96
N SER B 121 22.23 3.14 18.29
CA SER B 121 21.70 1.88 18.80
C SER B 121 22.87 1.00 19.21
N ILE B 122 22.85 0.52 20.45
CA ILE B 122 23.90 -0.31 20.96
C ILE B 122 23.47 -1.74 20.81
N TYR B 123 24.20 -2.53 20.02
CA TYR B 123 23.96 -3.97 19.93
C TYR B 123 24.98 -4.72 20.78
N ASN B 124 24.48 -5.70 21.54
CA ASN B 124 25.29 -6.63 22.36
C ASN B 124 25.52 -7.94 21.65
N LEU B 125 26.76 -8.39 21.65
CA LEU B 125 27.15 -9.52 20.82
C LEU B 125 26.94 -10.92 21.46
N LYS B 126 27.47 -11.14 22.66
CA LYS B 126 27.14 -12.38 23.37
C LYS B 126 26.38 -12.06 24.65
N THR B 127 25.10 -12.38 24.64
CA THR B 127 24.26 -12.32 25.84
C THR B 127 24.41 -13.62 26.63
N ARG B 128 23.77 -13.70 27.80
CA ARG B 128 23.87 -14.91 28.63
C ARG B 128 23.45 -16.13 27.79
N GLU B 129 22.26 -16.03 27.22
CA GLU B 129 21.74 -17.02 26.26
C GLU B 129 22.58 -17.16 24.96
N GLY B 130 23.36 -16.12 24.63
CA GLY B 130 24.34 -16.19 23.53
C GLY B 130 23.75 -15.91 22.15
N ASN B 131 23.20 -14.71 21.97
CA ASN B 131 22.74 -14.23 20.64
C ASN B 131 22.47 -12.71 20.63
N VAL B 132 22.36 -12.13 19.44
CA VAL B 132 22.64 -10.70 19.22
C VAL B 132 21.40 -9.81 19.27
N ARG B 133 21.30 -8.99 20.31
CA ARG B 133 20.14 -8.13 20.50
C ARG B 133 20.50 -6.65 20.64
N VAL B 134 19.51 -5.78 20.43
CA VAL B 134 19.58 -4.34 20.72
C VAL B 134 19.52 -4.17 22.23
N SER B 135 20.62 -3.71 22.83
CA SER B 135 20.60 -3.47 24.25
C SER B 135 20.20 -2.03 24.59
N ARG B 136 20.46 -1.05 23.72
CA ARG B 136 19.96 0.34 23.96
C ARG B 136 19.62 1.12 22.68
N GLU B 137 18.82 2.17 22.88
CA GLU B 137 18.49 3.11 21.82
C GLU B 137 18.66 4.50 22.33
N LEU B 138 19.82 5.08 22.03
CA LEU B 138 20.19 6.37 22.53
C LEU B 138 19.53 7.45 21.68
N ALA B 139 18.52 8.08 22.25
CA ALA B 139 17.73 9.03 21.51
C ALA B 139 17.90 10.37 22.15
N GLY B 140 17.83 11.41 21.33
CA GLY B 140 18.00 12.77 21.83
C GLY B 140 18.41 13.66 20.70
N HIS B 141 19.29 13.19 19.83
CA HIS B 141 19.65 13.99 18.69
C HIS B 141 18.37 14.38 17.93
N THR B 142 18.37 15.55 17.31
CA THR B 142 17.30 15.96 16.40
C THR B 142 17.73 15.91 14.93
N GLY B 143 18.72 15.10 14.57
CA GLY B 143 19.20 15.04 13.17
C GLY B 143 19.96 13.76 13.00
N TYR B 144 20.39 13.46 11.80
CA TYR B 144 20.97 12.12 11.60
C TYR B 144 22.21 11.85 12.46
N LEU B 145 22.40 10.58 12.81
CA LEU B 145 23.63 10.14 13.47
C LEU B 145 24.67 9.98 12.39
N SER B 146 25.79 10.70 12.49
CA SER B 146 26.84 10.71 11.45
C SER B 146 28.01 9.84 11.81
N CYS B 147 28.25 9.63 13.09
CA CYS B 147 29.42 8.89 13.53
C CYS B 147 29.27 8.60 15.01
N CYS B 148 29.91 7.54 15.47
CA CYS B 148 29.92 7.29 16.88
C CYS B 148 31.07 6.40 17.32
N ARG B 149 31.60 6.69 18.52
CA ARG B 149 32.77 5.97 19.07
C ARG B 149 32.64 5.74 20.56
N PHE B 150 32.82 4.48 20.98
CA PHE B 150 32.79 4.11 22.40
C PHE B 150 34.03 4.66 23.11
N LEU B 151 33.90 5.14 24.34
CA LEU B 151 35.12 5.32 25.19
C LEU B 151 35.46 4.02 25.87
N ASP B 152 34.42 3.28 26.22
CA ASP B 152 34.52 2.06 27.01
C ASP B 152 33.19 1.40 26.81
N ASP B 153 32.84 0.42 27.63
CA ASP B 153 31.57 -0.29 27.43
C ASP B 153 30.38 0.42 28.04
N ASN B 154 30.54 1.57 28.70
CA ASN B 154 29.41 2.28 29.30
C ASN B 154 29.24 3.75 28.89
N GLN B 155 30.23 4.32 28.22
CA GLN B 155 30.09 5.65 27.65
C GLN B 155 30.39 5.64 26.17
N ILE B 156 29.58 6.39 25.44
CA ILE B 156 29.80 6.59 24.02
C ILE B 156 29.58 8.04 23.57
N VAL B 157 30.29 8.42 22.51
CA VAL B 157 30.24 9.72 21.92
C VAL B 157 29.74 9.63 20.48
N THR B 158 28.85 10.55 20.14
CA THR B 158 28.16 10.59 18.86
C THR B 158 28.31 11.95 18.27
N SER B 159 28.16 12.00 16.96
CA SER B 159 28.06 13.27 16.23
C SER B 159 26.77 13.24 15.41
N SER B 160 26.28 14.40 15.01
CA SER B 160 24.99 14.46 14.33
C SER B 160 24.87 15.53 13.27
N GLY B 161 23.87 15.35 12.40
CA GLY B 161 23.44 16.41 11.49
C GLY B 161 22.75 17.60 12.16
N ASP B 162 22.38 17.45 13.42
CA ASP B 162 21.81 18.57 14.16
C ASP B 162 22.90 19.56 14.59
N THR B 163 24.14 19.33 14.11
CA THR B 163 25.28 20.21 14.39
C THR B 163 25.90 20.01 15.78
N THR B 164 25.38 19.11 16.57
CA THR B 164 25.97 18.87 17.88
C THR B 164 26.69 17.56 17.88
N CYS B 165 27.46 17.36 18.95
CA CYS B 165 27.99 16.05 19.30
C CYS B 165 27.47 15.83 20.68
N ALA B 166 27.64 14.63 21.22
CA ALA B 166 27.08 14.32 22.53
C ALA B 166 27.80 13.16 23.18
N LEU B 167 27.71 13.12 24.52
CA LEU B 167 28.23 12.03 25.36
C LEU B 167 27.08 11.29 26.03
N TRP B 168 27.10 9.95 25.99
CA TRP B 168 26.00 9.17 26.54
C TRP B 168 26.43 8.21 27.64
N ASP B 169 25.49 7.95 28.54
CA ASP B 169 25.66 6.97 29.60
C ASP B 169 24.81 5.81 29.18
N ILE B 170 25.45 4.75 28.70
CA ILE B 170 24.73 3.65 28.08
C ILE B 170 23.75 2.95 29.04
N GLU B 171 24.21 2.61 30.24
CA GLU B 171 23.37 1.95 31.26
C GLU B 171 22.02 2.68 31.42
N THR B 172 21.99 4.00 31.41
CA THR B 172 20.74 4.75 31.61
C THR B 172 20.18 5.43 30.34
N GLY B 173 20.93 5.36 29.24
CA GLY B 173 20.55 6.03 28.00
C GLY B 173 20.43 7.54 28.05
N GLN B 174 21.05 8.17 29.05
CA GLN B 174 21.03 9.61 29.23
C GLN B 174 22.08 10.31 28.37
N GLN B 175 21.72 11.51 27.91
CA GLN B 175 22.63 12.37 27.16
C GLN B 175 23.32 13.30 28.15
N THR B 176 24.40 12.83 28.74
CA THR B 176 25.00 13.55 29.87
C THR B 176 25.69 14.89 29.51
N THR B 177 26.42 14.93 28.41
CA THR B 177 27.01 16.19 27.97
C THR B 177 26.59 16.47 26.55
N THR B 178 26.61 17.76 26.18
CA THR B 178 26.19 18.20 24.86
C THR B 178 27.17 19.23 24.34
N PHE B 179 27.82 18.92 23.22
CA PHE B 179 28.85 19.76 22.62
C PHE B 179 28.32 20.60 21.47
N THR B 180 28.04 21.86 21.76
CA THR B 180 27.55 22.76 20.75
C THR B 180 28.62 23.76 20.36
N GLY B 181 28.41 24.40 19.22
CA GLY B 181 29.36 25.34 18.64
C GLY B 181 29.48 25.25 17.13
N HIS B 182 29.45 24.05 16.57
CA HIS B 182 29.39 23.94 15.12
C HIS B 182 28.15 24.63 14.53
N THR B 183 28.25 25.08 13.29
CA THR B 183 27.15 25.72 12.62
C THR B 183 26.69 25.01 11.36
N GLY B 184 27.12 23.76 11.20
CA GLY B 184 26.72 22.89 10.09
C GLY B 184 26.72 21.45 10.57
N ASP B 185 26.15 20.56 9.77
CA ASP B 185 26.04 19.16 10.14
C ASP B 185 27.45 18.69 10.53
N VAL B 186 27.55 17.98 11.64
CA VAL B 186 28.79 17.31 11.98
C VAL B 186 28.82 15.96 11.28
N MET B 187 29.98 15.67 10.71
CA MET B 187 30.15 14.49 9.84
C MET B 187 30.98 13.39 10.47
N SER B 188 31.99 13.74 11.24
CA SER B 188 32.96 12.76 11.67
C SER B 188 33.56 13.15 12.99
N LEU B 189 33.93 12.17 13.78
CA LEU B 189 34.63 12.48 15.00
C LEU B 189 35.80 11.52 15.15
N SER B 190 36.85 11.96 15.85
CA SER B 190 37.93 11.06 16.22
C SER B 190 38.31 11.20 17.68
N LEU B 191 38.48 10.09 18.37
CA LEU B 191 38.94 10.15 19.76
C LEU B 191 40.44 10.19 19.88
N ALA B 192 40.93 10.98 20.82
CA ALA B 192 42.35 10.95 21.17
C ALA B 192 42.64 9.57 21.76
N PRO B 193 43.93 9.22 21.91
CA PRO B 193 44.21 7.91 22.50
C PRO B 193 43.90 7.80 24.01
N ASP B 194 44.09 8.90 24.74
CA ASP B 194 43.69 9.01 26.17
C ASP B 194 42.18 9.11 26.41
N THR B 195 41.42 9.39 25.36
CA THR B 195 39.95 9.47 25.42
C THR B 195 39.43 10.67 26.24
N ARG B 196 40.33 11.58 26.64
CA ARG B 196 39.94 12.76 27.41
C ARG B 196 39.60 13.94 26.49
N LEU B 197 40.00 13.83 25.21
CA LEU B 197 39.65 14.79 24.20
C LEU B 197 39.23 14.07 22.95
N PHE B 198 38.48 14.78 22.10
CA PHE B 198 38.15 14.28 20.77
C PHE B 198 37.93 15.43 19.81
N VAL B 199 38.00 15.15 18.52
CA VAL B 199 37.87 16.18 17.49
C VAL B 199 36.71 15.87 16.53
N SER B 200 36.13 16.93 15.97
CA SER B 200 34.95 16.75 15.11
C SER B 200 35.24 17.47 13.82
N GLY B 201 34.69 16.96 12.71
CA GLY B 201 34.76 17.62 11.39
C GLY B 201 33.34 17.83 10.85
N ALA B 202 33.08 19.00 10.29
CA ALA B 202 31.71 19.45 10.00
C ALA B 202 31.54 20.08 8.63
N CYS B 203 30.29 20.19 8.21
CA CYS B 203 30.00 20.78 6.94
C CYS B 203 30.19 22.30 6.96
N ASP B 204 30.63 22.85 8.09
CA ASP B 204 30.99 24.29 8.13
C ASP B 204 32.47 24.56 7.78
N ALA B 205 33.19 23.50 7.41
CA ALA B 205 34.59 23.54 6.93
C ALA B 205 35.56 23.78 8.07
N SER B 206 35.03 23.72 9.28
CA SER B 206 35.80 23.83 10.50
C SER B 206 35.83 22.48 11.19
N ALA B 207 36.99 22.16 11.81
CA ALA B 207 37.13 21.05 12.76
C ALA B 207 37.31 21.62 14.16
N LYS B 208 36.90 20.87 15.18
CA LYS B 208 37.02 21.36 16.57
C LYS B 208 37.51 20.36 17.59
N LEU B 209 38.39 20.82 18.47
CA LEU B 209 38.88 20.06 19.63
C LEU B 209 37.98 20.21 20.85
N TRP B 210 37.60 19.10 21.46
CA TRP B 210 36.71 19.13 22.62
C TRP B 210 37.32 18.41 23.82
N ASP B 211 36.98 18.87 25.03
CA ASP B 211 37.27 18.14 26.26
C ASP B 211 36.00 17.42 26.68
N VAL B 212 36.13 16.09 26.66
CA VAL B 212 35.10 15.14 27.03
C VAL B 212 34.49 15.47 28.35
N ARG B 213 35.32 15.54 29.38
CA ARG B 213 34.87 15.65 30.77
C ARG B 213 34.35 17.04 31.14
N GLU B 214 34.95 18.08 30.61
CA GLU B 214 34.49 19.41 30.98
C GLU B 214 33.48 19.96 29.99
N GLY B 215 33.22 19.25 28.90
CA GLY B 215 32.11 19.61 28.03
C GLY B 215 32.27 20.81 27.12
N MET B 216 33.47 21.34 26.96
CA MET B 216 33.60 22.55 26.14
C MET B 216 34.51 22.38 24.93
N CYS B 217 34.45 23.38 24.05
CA CYS B 217 35.35 23.44 22.90
C CYS B 217 36.59 24.25 23.23
N ARG B 218 37.75 23.62 23.10
CA ARG B 218 39.00 24.28 23.42
C ARG B 218 39.60 24.90 22.21
N GLN B 219 39.39 24.38 21.01
CA GLN B 219 40.06 24.92 19.81
C GLN B 219 39.27 24.70 18.51
N THR B 220 39.35 25.68 17.60
CA THR B 220 38.69 25.63 16.26
C THR B 220 39.67 25.85 15.09
N PHE B 221 39.80 24.83 14.25
CA PHE B 221 40.67 24.86 13.09
C PHE B 221 39.84 25.00 11.84
N THR B 222 40.39 25.76 10.90
CA THR B 222 39.69 26.18 9.67
C THR B 222 40.66 26.20 8.50
N GLY B 223 40.20 26.54 7.31
CA GLY B 223 41.07 26.61 6.15
C GLY B 223 40.62 25.77 4.97
N HIS B 224 40.03 24.62 5.26
CA HIS B 224 39.25 23.91 4.26
C HIS B 224 38.21 24.85 3.65
N GLU B 225 37.85 24.58 2.39
CA GLU B 225 36.97 25.44 1.61
C GLU B 225 35.59 24.81 1.44
N SER B 226 35.34 23.76 2.23
CA SER B 226 34.21 22.88 2.00
C SER B 226 34.08 21.80 3.09
N ASP B 227 32.90 21.19 3.10
CA ASP B 227 32.59 20.16 4.05
C ASP B 227 33.80 19.32 4.44
N ILE B 228 34.06 19.21 5.74
CA ILE B 228 34.96 18.20 6.24
C ILE B 228 34.13 16.96 6.43
N ASN B 229 34.46 15.89 5.69
CA ASN B 229 33.80 14.56 5.76
C ASN B 229 34.49 13.52 6.64
N ALA B 230 35.74 13.73 7.04
CA ALA B 230 36.48 12.70 7.79
C ALA B 230 37.56 13.28 8.68
N ILE B 231 37.83 12.60 9.78
CA ILE B 231 38.81 13.09 10.71
C ILE B 231 39.47 11.96 11.52
N CYS B 232 40.75 12.11 11.85
N CYS B 232 40.74 12.13 11.87
CA CYS B 232 41.54 11.06 12.51
CA CYS B 232 41.50 11.11 12.55
C CYS B 232 42.70 11.70 13.27
C CYS B 232 42.68 11.71 13.29
N PHE B 233 42.97 11.17 14.46
CA PHE B 233 44.07 11.65 15.28
C PHE B 233 45.37 11.04 14.81
N PHE B 234 46.40 11.85 14.90
CA PHE B 234 47.76 11.38 14.78
C PHE B 234 48.02 10.48 15.99
N PRO B 235 48.78 9.38 15.81
CA PRO B 235 48.82 8.39 16.87
C PRO B 235 49.28 8.88 18.26
N ASN B 236 49.81 10.10 18.39
CA ASN B 236 50.28 10.58 19.71
C ASN B 236 49.41 11.67 20.33
N GLY B 237 48.19 11.84 19.81
CA GLY B 237 47.24 12.80 20.35
C GLY B 237 47.55 14.28 20.17
N ASN B 238 48.55 14.62 19.38
CA ASN B 238 49.02 16.01 19.33
C ASN B 238 48.71 16.78 18.07
N ALA B 239 48.13 16.06 17.12
CA ALA B 239 47.68 16.63 15.86
C ALA B 239 46.63 15.69 15.28
N PHE B 240 45.95 16.17 14.25
CA PHE B 240 45.00 15.35 13.55
C PHE B 240 44.98 15.64 12.09
N ALA B 241 44.36 14.74 11.37
CA ALA B 241 44.21 14.89 9.95
C ALA B 241 42.73 14.92 9.56
N THR B 242 42.42 15.72 8.54
CA THR B 242 41.07 15.88 8.04
C THR B 242 40.96 15.64 6.54
N GLY B 243 39.78 15.19 6.10
CA GLY B 243 39.50 15.07 4.65
C GLY B 243 38.23 15.78 4.26
N SER B 244 38.22 16.42 3.09
CA SER B 244 37.14 17.31 2.68
C SER B 244 36.72 17.23 1.18
N ASP B 245 35.54 17.76 0.90
CA ASP B 245 35.06 17.82 -0.47
C ASP B 245 36.00 18.64 -1.30
N ASP B 246 36.86 19.47 -0.69
CA ASP B 246 37.83 20.29 -1.49
C ASP B 246 38.97 19.53 -2.17
N ALA B 247 38.93 18.20 -2.09
CA ALA B 247 39.94 17.32 -2.68
C ALA B 247 41.35 17.33 -1.99
N THR B 248 41.41 17.83 -0.77
CA THR B 248 42.63 17.89 -0.01
C THR B 248 42.42 17.24 1.32
N CYS B 249 43.44 16.58 1.86
CA CYS B 249 43.57 16.29 3.31
C CYS B 249 44.50 17.35 3.98
N ARG B 250 44.36 17.57 5.28
CA ARG B 250 45.20 18.52 5.99
C ARG B 250 45.72 17.99 7.29
N LEU B 251 46.80 18.56 7.79
CA LEU B 251 47.32 18.19 9.11
C LEU B 251 47.30 19.42 9.93
N PHE B 252 46.71 19.35 11.13
CA PHE B 252 46.62 20.49 12.03
C PHE B 252 47.34 20.13 13.34
N ASP B 253 48.25 20.99 13.82
CA ASP B 253 48.87 20.71 15.11
C ASP B 253 48.07 21.32 16.22
N LEU B 254 47.88 20.57 17.31
CA LEU B 254 47.12 21.08 18.44
C LEU B 254 47.88 22.16 19.17
N ARG B 255 49.08 21.86 19.64
CA ARG B 255 49.85 22.83 20.44
C ARG B 255 50.29 24.09 19.69
N ALA B 256 50.48 24.02 18.37
CA ALA B 256 50.76 25.23 17.54
C ALA B 256 49.48 25.91 17.07
N ASP B 257 48.35 25.22 17.29
CA ASP B 257 46.99 25.73 17.05
C ASP B 257 46.76 26.08 15.57
N GLN B 258 47.23 25.26 14.63
CA GLN B 258 47.15 25.66 13.23
C GLN B 258 47.52 24.61 12.22
N GLU B 259 47.28 24.93 10.96
CA GLU B 259 47.59 24.02 9.89
C GLU B 259 49.12 23.84 9.71
N LEU B 260 49.58 22.61 9.58
CA LEU B 260 50.94 22.33 9.18
C LEU B 260 51.02 21.89 7.74
N MET B 261 50.10 21.10 7.22
CA MET B 261 50.27 20.62 5.85
C MET B 261 48.99 20.38 5.02
N THR B 262 49.13 20.54 3.70
CA THR B 262 48.13 20.13 2.73
C THR B 262 48.66 18.99 1.83
N TYR B 263 47.80 18.01 1.63
CA TYR B 263 48.12 16.88 0.82
C TYR B 263 47.18 17.00 -0.36
N SER B 264 47.72 17.19 -1.55
CA SER B 264 46.92 17.41 -2.73
C SER B 264 47.79 17.46 -3.95
N HIS B 265 47.11 17.35 -5.10
CA HIS B 265 47.75 17.28 -6.41
C HIS B 265 46.74 17.85 -7.41
N ASP B 266 47.21 18.45 -8.50
CA ASP B 266 46.32 19.12 -9.45
C ASP B 266 45.39 18.15 -10.20
N ASN B 267 45.86 16.93 -10.42
CA ASN B 267 45.08 15.87 -11.07
C ASN B 267 44.24 14.98 -10.12
N ILE B 268 43.96 15.46 -8.90
CA ILE B 268 43.00 14.85 -7.98
C ILE B 268 41.96 15.91 -7.69
N ILE B 269 40.74 15.63 -8.10
CA ILE B 269 39.64 16.61 -8.01
C ILE B 269 38.47 16.15 -7.14
N CYS B 270 38.31 14.84 -6.97
N CYS B 270 38.33 14.84 -6.95
CA CYS B 270 37.23 14.27 -6.18
CA CYS B 270 37.25 14.25 -6.15
C CYS B 270 37.50 14.48 -4.70
C CYS B 270 37.51 14.47 -4.68
N GLY B 271 36.46 14.37 -3.90
CA GLY B 271 36.55 14.63 -2.48
C GLY B 271 36.98 13.41 -1.72
N ILE B 272 37.29 13.61 -0.44
CA ILE B 272 37.79 12.56 0.43
C ILE B 272 36.67 12.13 1.35
N THR B 273 36.55 10.83 1.57
CA THR B 273 35.53 10.30 2.45
C THR B 273 36.03 9.77 3.79
N SER B 274 37.33 9.54 3.88
CA SER B 274 37.86 8.79 5.01
C SER B 274 39.36 8.99 5.13
N VAL B 275 39.86 8.97 6.36
CA VAL B 275 41.31 9.14 6.64
C VAL B 275 41.80 8.28 7.81
N SER B 276 43.03 7.79 7.69
CA SER B 276 43.64 7.00 8.77
C SER B 276 45.13 7.13 8.68
N PHE B 277 45.79 7.16 9.83
CA PHE B 277 47.24 7.08 9.82
C PHE B 277 47.68 5.63 9.96
N SER B 278 48.81 5.29 9.36
CA SER B 278 49.49 4.03 9.71
C SER B 278 49.89 4.09 11.18
N LYS B 279 50.38 2.98 11.69
CA LYS B 279 50.72 2.90 13.09
C LYS B 279 51.66 4.01 13.56
N SER B 280 52.76 4.23 12.84
CA SER B 280 53.79 5.19 13.28
C SER B 280 53.44 6.60 12.97
N GLY B 281 52.45 6.81 12.10
CA GLY B 281 52.03 8.14 11.71
C GLY B 281 52.60 8.55 10.38
N ARG B 282 53.62 7.85 9.91
CA ARG B 282 54.28 8.29 8.70
C ARG B 282 53.33 8.30 7.49
N LEU B 283 52.51 7.27 7.36
CA LEU B 283 51.58 7.15 6.25
C LEU B 283 50.19 7.69 6.58
N LEU B 284 49.73 8.63 5.77
CA LEU B 284 48.34 9.08 5.84
C LEU B 284 47.55 8.55 4.64
N LEU B 285 46.66 7.59 4.92
CA LEU B 285 45.79 6.97 3.94
C LEU B 285 44.47 7.71 3.86
N ALA B 286 44.01 7.90 2.64
CA ALA B 286 42.78 8.65 2.40
C ALA B 286 41.94 7.94 1.37
N GLY B 287 40.66 7.78 1.66
CA GLY B 287 39.72 7.17 0.73
C GLY B 287 39.04 8.24 -0.09
N TYR B 288 38.99 8.00 -1.39
CA TYR B 288 38.59 9.06 -2.34
C TYR B 288 37.35 8.67 -3.15
N ASP B 289 36.72 9.65 -3.78
CA ASP B 289 35.48 9.44 -4.53
C ASP B 289 35.75 9.18 -6.06
N ASP B 290 36.98 8.78 -6.40
CA ASP B 290 37.33 8.36 -7.74
C ASP B 290 37.64 6.86 -7.74
N PHE B 291 37.29 6.19 -6.65
CA PHE B 291 37.39 4.71 -6.48
C PHE B 291 38.74 4.23 -5.86
N ASN B 292 39.63 5.15 -5.55
CA ASN B 292 40.94 4.75 -5.02
C ASN B 292 41.14 5.17 -3.55
N CYS B 293 42.15 4.58 -2.90
CA CYS B 293 42.63 5.05 -1.61
C CYS B 293 44.07 5.47 -1.80
N ASN B 294 44.42 6.68 -1.36
CA ASN B 294 45.82 7.12 -1.53
C ASN B 294 46.63 6.96 -0.25
N VAL B 295 47.89 6.61 -0.40
CA VAL B 295 48.81 6.64 0.72
C VAL B 295 49.63 7.89 0.60
N TRP B 296 49.52 8.81 1.55
CA TRP B 296 50.43 9.94 1.60
C TRP B 296 51.50 9.71 2.66
N ASP B 297 52.64 10.39 2.48
CA ASP B 297 53.70 10.52 3.49
C ASP B 297 53.30 11.71 4.29
N ALA B 298 52.95 11.50 5.54
CA ALA B 298 52.46 12.57 6.39
C ALA B 298 53.45 13.69 6.55
N LEU B 299 54.74 13.34 6.63
CA LEU B 299 55.79 14.30 6.94
C LEU B 299 56.25 15.15 5.74
N LYS B 300 56.20 14.58 4.53
CA LYS B 300 56.76 15.24 3.34
C LYS B 300 55.74 15.79 2.32
N ALA B 301 54.51 15.22 2.30
CA ALA B 301 53.40 15.61 1.40
C ALA B 301 53.38 14.93 0.04
N ASP B 302 54.41 14.14 -0.27
CA ASP B 302 54.50 13.48 -1.57
C ASP B 302 53.50 12.38 -1.55
N ARG B 303 52.90 12.16 -2.69
CA ARG B 303 52.02 11.05 -2.87
C ARG B 303 52.83 9.80 -3.02
N ALA B 304 52.61 8.82 -2.15
CA ALA B 304 53.47 7.60 -2.09
C ALA B 304 52.89 6.25 -2.57
N GLY B 305 51.57 6.12 -2.62
CA GLY B 305 50.92 4.86 -3.03
C GLY B 305 49.49 5.05 -3.52
N VAL B 306 48.95 3.99 -4.12
CA VAL B 306 47.54 3.92 -4.55
C VAL B 306 46.96 2.54 -4.17
N LEU B 307 45.71 2.46 -3.73
CA LEU B 307 45.05 1.16 -3.54
C LEU B 307 43.90 1.19 -4.50
N ALA B 308 43.95 0.35 -5.54
CA ALA B 308 42.98 0.45 -6.65
C ALA B 308 42.40 -0.91 -7.03
N GLY B 309 41.31 -1.27 -6.36
CA GLY B 309 40.48 -2.41 -6.74
C GLY B 309 39.03 -2.28 -6.27
N HIS B 310 38.39 -1.17 -6.63
CA HIS B 310 36.99 -0.94 -6.30
C HIS B 310 36.39 -0.25 -7.51
N ASP B 311 35.15 -0.60 -7.87
CA ASP B 311 34.50 -0.02 -9.07
C ASP B 311 33.54 1.11 -8.73
N ASN B 312 33.49 1.46 -7.46
CA ASN B 312 32.80 2.62 -7.01
C ASN B 312 33.58 3.31 -5.89
N ARG B 313 32.92 4.28 -5.30
CA ARG B 313 33.47 5.10 -4.27
C ARG B 313 34.08 4.28 -3.14
N VAL B 314 35.25 4.71 -2.66
CA VAL B 314 35.71 4.23 -1.36
C VAL B 314 35.08 5.17 -0.37
N SER B 315 34.14 4.63 0.39
CA SER B 315 33.36 5.38 1.35
C SER B 315 34.06 5.40 2.67
N CYS B 316 34.80 4.34 2.98
CA CYS B 316 35.40 4.26 4.28
C CYS B 316 36.70 3.44 4.28
N LEU B 317 37.57 3.68 5.27
CA LEU B 317 38.75 2.82 5.45
C LEU B 317 39.20 2.64 6.91
N GLY B 318 40.22 1.85 7.14
CA GLY B 318 40.75 1.68 8.49
C GLY B 318 42.02 0.84 8.63
N VAL B 319 42.88 1.28 9.55
CA VAL B 319 44.08 0.56 9.88
C VAL B 319 43.89 -0.15 11.20
N THR B 320 44.50 -1.33 11.36
CA THR B 320 44.38 -2.06 12.62
C THR B 320 45.32 -1.52 13.69
N ASP B 321 44.99 -1.79 14.96
CA ASP B 321 45.83 -1.40 16.09
C ASP B 321 47.21 -2.03 16.04
N ASP B 322 47.33 -3.16 15.31
CA ASP B 322 48.63 -3.78 15.10
C ASP B 322 49.36 -3.35 13.79
N GLY B 323 48.85 -2.34 13.10
CA GLY B 323 49.54 -1.74 11.93
C GLY B 323 49.68 -2.63 10.70
N MET B 324 49.28 -3.89 10.84
CA MET B 324 49.37 -4.93 9.80
C MET B 324 48.48 -4.77 8.58
N ALA B 325 47.40 -4.01 8.68
CA ALA B 325 46.43 -4.04 7.59
C ALA B 325 45.52 -2.83 7.46
N VAL B 326 45.01 -2.69 6.24
CA VAL B 326 44.09 -1.67 5.90
C VAL B 326 42.83 -2.29 5.33
N ALA B 327 41.70 -1.97 5.93
CA ALA B 327 40.41 -2.18 5.29
C ALA B 327 40.06 -0.98 4.39
N THR B 328 39.53 -1.23 3.18
CA THR B 328 38.77 -0.20 2.45
C THR B 328 37.40 -0.75 2.09
N GLY B 329 36.35 -0.02 2.44
CA GLY B 329 34.97 -0.32 2.05
C GLY B 329 34.42 0.66 1.02
N SER B 330 33.49 0.20 0.18
CA SER B 330 33.12 0.93 -1.02
C SER B 330 31.65 0.87 -1.37
N TRP B 331 31.18 1.89 -2.08
CA TRP B 331 29.86 1.84 -2.69
C TRP B 331 29.64 0.62 -3.60
N ASP B 332 30.66 -0.22 -3.84
CA ASP B 332 30.48 -1.39 -4.71
C ASP B 332 30.15 -2.69 -3.95
N SER B 333 29.65 -2.56 -2.73
CA SER B 333 29.25 -3.70 -1.89
C SER B 333 30.40 -4.50 -1.23
N PHE B 334 31.65 -4.10 -1.46
CA PHE B 334 32.83 -4.87 -0.98
C PHE B 334 33.76 -4.13 -0.03
N LEU B 335 34.30 -4.89 0.92
CA LEU B 335 35.47 -4.51 1.69
C LEU B 335 36.66 -5.29 1.16
N LYS B 336 37.85 -4.70 1.26
CA LYS B 336 39.08 -5.38 0.89
C LYS B 336 40.11 -5.14 1.96
N ILE B 337 40.91 -6.15 2.26
CA ILE B 337 42.00 -5.99 3.20
C ILE B 337 43.32 -5.91 2.44
N TRP B 338 44.09 -4.84 2.70
CA TRP B 338 45.34 -4.63 2.00
C TRP B 338 46.53 -4.64 2.94
N ASN B 339 47.70 -5.00 2.36
CA ASN B 339 49.05 -4.79 2.92
C ASN B 339 50.11 -5.07 1.84
N ASN C 5 18.34 34.75 16.68
CA ASN C 5 19.51 33.83 16.70
C ASN C 5 20.85 34.59 16.75
N THR C 6 21.17 35.35 15.69
CA THR C 6 22.24 36.35 15.75
C THR C 6 21.63 37.67 16.21
N ALA C 7 20.30 37.80 16.09
CA ALA C 7 19.51 38.86 16.77
C ALA C 7 19.55 38.73 18.31
N SER C 8 19.83 37.51 18.78
CA SER C 8 20.03 37.16 20.18
C SER C 8 21.23 37.84 20.82
N ILE C 9 21.00 38.59 21.89
CA ILE C 9 22.08 39.20 22.68
C ILE C 9 22.89 38.15 23.44
N ALA C 10 22.20 37.12 23.93
CA ALA C 10 22.83 36.00 24.63
C ALA C 10 23.77 35.21 23.74
N GLN C 11 23.48 35.14 22.44
CA GLN C 11 24.29 34.33 21.50
C GLN C 11 25.60 35.03 21.15
N ALA C 12 25.48 36.34 20.92
CA ALA C 12 26.61 37.17 20.62
C ALA C 12 27.63 37.15 21.77
N ARG C 13 27.10 37.19 23.00
CA ARG C 13 27.87 37.12 24.25
C ARG C 13 28.51 35.76 24.46
N LYS C 14 27.77 34.69 24.24
CA LYS C 14 28.32 33.33 24.27
C LYS C 14 29.51 33.18 23.31
N LEU C 15 29.39 33.79 22.13
CA LEU C 15 30.36 33.67 21.05
C LEU C 15 31.65 34.37 21.40
N VAL C 16 31.52 35.63 21.78
CA VAL C 16 32.63 36.42 22.29
C VAL C 16 33.39 35.71 23.42
N GLU C 17 32.69 35.14 24.40
CA GLU C 17 33.31 34.43 25.55
C GLU C 17 34.06 33.17 25.11
N GLN C 18 33.62 32.61 23.99
CA GLN C 18 34.26 31.46 23.41
C GLN C 18 35.60 31.83 22.71
N LEU C 19 35.53 32.86 21.87
CA LEU C 19 36.70 33.31 21.18
C LEU C 19 37.75 33.77 22.19
N LYS C 20 37.28 34.20 23.37
CA LYS C 20 38.15 34.51 24.50
C LYS C 20 38.90 33.27 24.96
N MET C 21 38.20 32.22 25.42
CA MET C 21 38.84 30.94 25.76
C MET C 21 39.85 30.48 24.67
N GLU C 22 39.53 30.69 23.37
CA GLU C 22 40.39 30.26 22.23
C GLU C 22 41.56 31.19 21.98
N ALA C 23 41.40 32.47 22.29
CA ALA C 23 42.50 33.42 22.12
C ALA C 23 43.59 33.27 23.17
N ASN C 24 43.22 32.74 24.34
CA ASN C 24 44.12 32.72 25.48
C ASN C 24 44.55 31.34 25.90
N ILE C 25 45.15 30.63 24.94
CA ILE C 25 45.79 29.36 25.23
C ILE C 25 47.33 29.52 25.04
N ASP C 26 48.11 28.50 25.39
CA ASP C 26 49.56 28.58 25.21
C ASP C 26 49.84 28.01 23.83
N ARG C 27 50.63 28.72 23.02
CA ARG C 27 51.03 28.16 21.74
C ARG C 27 52.54 27.87 21.69
N ILE C 28 52.93 26.99 20.79
CA ILE C 28 54.31 26.69 20.54
C ILE C 28 54.66 27.01 19.07
N LYS C 29 55.95 27.17 18.81
CA LYS C 29 56.42 27.47 17.48
C LYS C 29 56.12 26.28 16.61
N VAL C 30 55.94 26.52 15.32
CA VAL C 30 55.69 25.42 14.41
C VAL C 30 56.94 24.58 14.27
N SER C 31 58.07 25.27 14.18
CA SER C 31 59.35 24.60 14.15
C SER C 31 59.40 23.54 15.19
N LYS C 32 58.89 23.87 16.36
CA LYS C 32 58.86 22.93 17.45
C LYS C 32 57.90 21.82 17.12
N ALA C 33 56.64 22.15 16.86
CA ALA C 33 55.61 21.13 16.65
C ALA C 33 56.03 20.14 15.58
N ALA C 34 56.64 20.65 14.53
CA ALA C 34 57.09 19.82 13.42
C ALA C 34 58.14 18.78 13.82
N ALA C 35 59.14 19.20 14.61
CA ALA C 35 60.14 18.29 15.15
C ALA C 35 59.49 17.14 15.94
N ASP C 36 58.61 17.45 16.90
CA ASP C 36 58.05 16.35 17.75
C ASP C 36 57.32 15.34 16.89
N LEU C 37 56.65 15.79 15.82
CA LEU C 37 56.02 14.85 14.88
C LEU C 37 57.11 13.98 14.24
N MET C 38 58.05 14.62 13.54
CA MET C 38 59.18 13.91 12.92
C MET C 38 59.82 12.93 13.90
N ALA C 39 59.98 13.35 15.15
CA ALA C 39 60.59 12.51 16.18
C ALA C 39 59.79 11.23 16.37
N TYR C 40 58.53 11.40 16.76
CA TYR C 40 57.62 10.27 16.90
C TYR C 40 57.76 9.27 15.73
N CYS C 41 57.66 9.75 14.50
CA CYS C 41 57.69 8.86 13.35
C CYS C 41 58.93 7.98 13.33
N GLU C 42 60.09 8.58 13.59
CA GLU C 42 61.37 7.84 13.67
C GLU C 42 61.35 6.82 14.81
N ALA C 43 60.99 7.27 15.99
CA ALA C 43 60.94 6.40 17.15
C ALA C 43 60.13 5.14 16.93
N HIS C 44 59.19 5.15 15.98
CA HIS C 44 58.22 4.04 15.81
C HIS C 44 58.14 3.42 14.42
N ALA C 45 59.02 3.80 13.51
CA ALA C 45 58.96 3.26 12.14
C ALA C 45 59.33 1.77 12.05
N LYS C 46 60.19 1.31 12.96
CA LYS C 46 60.57 -0.11 13.01
C LYS C 46 59.46 -0.97 13.61
N GLU C 47 58.41 -0.31 14.08
CA GLU C 47 57.26 -0.95 14.70
C GLU C 47 56.02 -0.99 13.75
N ASP C 48 56.19 -0.64 12.48
CA ASP C 48 55.07 -0.23 11.61
C ASP C 48 55.09 -1.00 10.29
N PRO C 49 54.40 -2.13 10.23
CA PRO C 49 54.38 -3.04 9.07
C PRO C 49 54.15 -2.45 7.68
N LEU C 50 53.40 -1.34 7.57
CA LEU C 50 53.14 -0.71 6.26
C LEU C 50 54.33 0.13 5.80
N LEU C 51 55.15 0.54 6.75
CA LEU C 51 56.27 1.39 6.42
C LEU C 51 57.40 0.54 5.81
N THR C 52 57.71 -0.58 6.47
CA THR C 52 58.73 -1.51 6.00
C THR C 52 58.19 -2.95 5.95
N PRO C 53 57.82 -3.44 4.74
CA PRO C 53 57.08 -4.71 4.71
C PRO C 53 57.86 -5.88 5.38
N VAL C 54 57.19 -6.63 6.27
CA VAL C 54 57.76 -7.85 6.92
C VAL C 54 57.36 -9.09 6.12
N PRO C 55 58.22 -10.13 6.11
CA PRO C 55 57.98 -11.23 5.15
C PRO C 55 56.77 -12.09 5.50
N ALA C 56 56.39 -12.96 4.55
CA ALA C 56 55.22 -13.85 4.70
C ALA C 56 55.15 -14.48 6.09
N SER C 57 56.31 -14.94 6.59
CA SER C 57 56.46 -15.52 7.93
C SER C 57 55.48 -14.96 9.00
N GLU C 58 55.58 -13.67 9.34
CA GLU C 58 54.76 -13.12 10.44
C GLU C 58 53.40 -12.55 10.00
N ASN C 59 53.30 -12.04 8.77
CA ASN C 59 52.08 -11.39 8.25
C ASN C 59 50.86 -12.35 8.07
N PRO C 60 49.80 -12.19 8.90
CA PRO C 60 48.66 -13.11 8.86
C PRO C 60 47.93 -13.26 7.54
N PHE C 61 48.07 -12.33 6.59
CA PHE C 61 47.24 -12.41 5.37
C PHE C 61 47.96 -13.10 4.17
N ARG C 62 48.83 -14.07 4.48
CA ARG C 62 49.54 -14.92 3.49
C ARG C 62 49.80 -16.34 4.04
O4 F0S D . -35.72 -13.17 -24.25
C21 F0S D . -35.32 -12.07 -23.97
N3 F0S D . -34.45 -11.71 -23.00
C22 F0S D . -34.04 -12.44 -21.92
C28 F0S D . -34.27 -13.80 -21.72
C27 F0S D . -33.82 -14.46 -20.57
C26 F0S D . -33.98 -15.83 -20.19
N5 F0S D . -33.41 -16.03 -19.01
N4 F0S D . -32.92 -14.75 -18.68
C25 F0S D . -33.15 -13.80 -19.61
C24 F0S D . -32.90 -12.44 -19.75
C23 F0S D . -33.35 -11.77 -20.90
C20 F0S D . -35.96 -11.00 -24.79
C18 F0S D . -36.90 -10.11 -24.10
C19 F0S D . -37.19 -10.24 -22.64
N2 F0S D . -37.54 -9.16 -24.81
C17 F0S D . -37.51 -9.11 -26.15
O3 F0S D . -38.28 -8.29 -26.72
N1 F0S D . -36.73 -9.92 -26.87
C16 F0S D . -35.76 -10.86 -26.25
C12 F0S D . -34.37 -10.44 -26.64
C11 F0S D . -34.08 -9.17 -27.15
C13 F0S D . -33.34 -11.38 -26.54
C14 F0S D . -32.06 -11.02 -26.91
C15 F0S D . -31.77 -9.75 -27.41
F F0S D . -30.51 -9.41 -27.77
C10 F0S D . -32.78 -8.81 -27.52
C9 F0S D . -32.46 -7.48 -28.10
O2 F0S D . -31.83 -7.49 -29.15
N F0S D . -32.89 -6.32 -27.65
C8 F0S D . -32.68 -5.15 -28.46
C7 F0S D . -32.93 -3.85 -27.73
C1 F0S D . -31.90 -3.29 -26.99
O F0S D . -30.66 -3.88 -26.88
C F0S D . -30.51 -5.12 -26.20
C5 F0S D . -34.17 -3.22 -27.81
O1 F0S D . -35.21 -3.74 -28.55
C6 F0S D . -35.27 -3.57 -29.98
C4 F0S D . -34.38 -2.02 -27.14
C3 F0S D . -33.35 -1.44 -26.39
C2 F0S D . -32.11 -2.08 -26.32
#